data_3B8L
#
_entry.id   3B8L
#
_cell.length_a   95.850
_cell.length_b   95.850
_cell.length_c   232.300
_cell.angle_alpha   90.000
_cell.angle_beta   90.000
_cell.angle_gamma   90.000
#
_symmetry.space_group_name_H-M   'P 41 21 2'
#
loop_
_entity.id
_entity.type
_entity.pdbx_description
1 polymer 'Uncharacterized protein'
2 non-polymer GLYCEROL
3 non-polymer DI(HYDROXYETHYL)ETHER
4 non-polymer 'CHLORIDE ION'
5 water water
#
_entity_poly.entity_id   1
_entity_poly.type   'polypeptide(L)'
_entity_poly.pdbx_seq_one_letter_code
;(MSE)GSDKIHHHHHHENLYFQG(MSE)QCPIEDRLAIQDL(MSE)IAYAHAVDTVSDIDAVLDVFTEDAVFDLSGIGLT
PQVGHAGIREFFTNVFAN(MSE)SHHAHYLTNFAVTGYEGDTAS(MSE)RAYVIG(MSE)GVGKDGRAVTVNGRYFFEVR
RTEKGWKATRYT(MSE)DFL(MSE)PLSGTLDNAK
;
_entity_poly.pdbx_strand_id   A,B,C,D,E,F
#
loop_
_chem_comp.id
_chem_comp.type
_chem_comp.name
_chem_comp.formula
CL non-polymer 'CHLORIDE ION' 'Cl -1'
GOL non-polymer GLYCEROL 'C3 H8 O3'
PEG non-polymer DI(HYDROXYETHYL)ETHER 'C4 H10 O3'
#
# COMPACT_ATOMS: atom_id res chain seq x y z
N PHE A 17 -5.04 -35.92 -30.69
CA PHE A 17 -5.41 -36.83 -29.55
C PHE A 17 -5.81 -36.07 -28.30
N GLN A 18 -7.11 -36.08 -28.01
CA GLN A 18 -7.65 -35.38 -26.84
C GLN A 18 -7.31 -36.19 -25.60
N GLY A 19 -6.82 -35.49 -24.58
CA GLY A 19 -6.72 -36.07 -23.25
C GLY A 19 -8.13 -36.42 -22.71
N MSE A 20 -8.19 -37.27 -21.71
CA MSE A 20 -9.43 -37.62 -21.02
C MSE A 20 -9.99 -36.36 -20.34
O MSE A 20 -9.29 -35.72 -19.58
CB MSE A 20 -9.11 -38.69 -19.98
CG MSE A 20 -10.29 -39.30 -19.26
SE MSE A 20 -9.67 -40.81 -18.17
CE MSE A 20 -11.33 -41.90 -18.10
N GLN A 21 -11.25 -36.01 -20.62
CA GLN A 21 -11.85 -34.78 -20.07
C GLN A 21 -12.30 -34.98 -18.62
N CYS A 22 -11.98 -34.03 -17.76
CA CYS A 22 -12.36 -34.10 -16.36
C CYS A 22 -13.84 -33.79 -16.20
N PRO A 23 -14.63 -34.72 -15.63
CA PRO A 23 -16.04 -34.38 -15.43
C PRO A 23 -16.28 -33.18 -14.50
N ILE A 24 -17.38 -32.47 -14.76
CA ILE A 24 -17.71 -31.23 -14.05
C ILE A 24 -17.79 -31.50 -12.55
N GLU A 25 -18.39 -32.61 -12.18
CA GLU A 25 -18.53 -32.93 -10.76
C GLU A 25 -17.16 -33.03 -10.11
N ASP A 26 -16.20 -33.61 -10.82
CA ASP A 26 -14.84 -33.76 -10.31
C ASP A 26 -14.08 -32.42 -10.29
N ARG A 27 -14.22 -31.64 -11.33
CA ARG A 27 -13.65 -30.31 -11.35
C ARG A 27 -14.12 -29.50 -10.16
N LEU A 28 -15.42 -29.53 -9.87
CA LEU A 28 -15.94 -28.78 -8.71
C LEU A 28 -15.47 -29.40 -7.41
N ALA A 29 -15.42 -30.73 -7.32
CA ALA A 29 -14.91 -31.38 -6.10
C ALA A 29 -13.46 -30.99 -5.78
N ILE A 30 -12.63 -30.90 -6.80
CA ILE A 30 -11.23 -30.57 -6.60
C ILE A 30 -11.10 -29.07 -6.22
N GLN A 31 -11.82 -28.18 -6.92
N GLN A 31 -11.84 -28.21 -6.91
CA GLN A 31 -11.89 -26.80 -6.51
CA GLN A 31 -11.91 -26.80 -6.55
C GLN A 31 -12.31 -26.69 -5.05
C GLN A 31 -12.41 -26.60 -5.11
N ASP A 32 -13.35 -27.43 -4.68
CA ASP A 32 -13.87 -27.34 -3.31
C ASP A 32 -12.87 -27.81 -2.29
N LEU A 33 -12.06 -28.80 -2.65
CA LEU A 33 -11.02 -29.29 -1.75
C LEU A 33 -10.00 -28.16 -1.51
N MSE A 34 -9.65 -27.45 -2.58
CA MSE A 34 -8.69 -26.36 -2.45
C MSE A 34 -9.26 -25.20 -1.60
O MSE A 34 -8.56 -24.63 -0.77
CB MSE A 34 -8.26 -25.88 -3.84
CG MSE A 34 -7.42 -26.93 -4.58
SE MSE A 34 -6.91 -26.35 -6.41
CE MSE A 34 -5.35 -25.33 -5.86
N ILE A 35 -10.52 -24.84 -1.82
CA ILE A 35 -11.23 -23.85 -1.02
C ILE A 35 -11.37 -24.33 0.43
N ALA A 36 -11.62 -25.61 0.64
CA ALA A 36 -11.59 -26.18 1.99
C ALA A 36 -10.20 -26.04 2.65
N TYR A 37 -9.12 -26.26 1.88
CA TYR A 37 -7.77 -26.07 2.38
C TYR A 37 -7.61 -24.61 2.82
N ALA A 38 -8.05 -23.67 2.00
CA ALA A 38 -7.87 -22.24 2.34
C ALA A 38 -8.63 -21.93 3.62
N HIS A 39 -9.84 -22.52 3.75
CA HIS A 39 -10.68 -22.28 4.93
C HIS A 39 -9.99 -22.77 6.18
N ALA A 40 -9.40 -23.96 6.09
CA ALA A 40 -8.69 -24.55 7.19
C ALA A 40 -7.48 -23.69 7.60
N VAL A 41 -6.78 -23.14 6.62
CA VAL A 41 -5.60 -22.32 6.88
C VAL A 41 -6.04 -21.02 7.57
N ASP A 42 -7.18 -20.52 7.12
CA ASP A 42 -7.71 -19.26 7.60
C ASP A 42 -8.39 -19.31 8.95
N THR A 43 -8.54 -20.50 9.53
CA THR A 43 -8.99 -20.63 10.91
C THR A 43 -7.87 -20.15 11.84
N VAL A 44 -6.64 -20.20 11.36
CA VAL A 44 -5.43 -19.97 12.15
C VAL A 44 -5.37 -20.90 13.36
N SER A 45 -5.99 -22.08 13.24
CA SER A 45 -6.04 -22.99 14.39
C SER A 45 -6.27 -24.48 14.10
N ASP A 46 -7.06 -24.81 13.09
CA ASP A 46 -7.59 -26.17 12.95
C ASP A 46 -6.68 -27.09 12.10
N ILE A 47 -5.66 -27.64 12.75
CA ILE A 47 -4.69 -28.48 12.09
C ILE A 47 -5.38 -29.72 11.54
N ASP A 48 -6.34 -30.27 12.27
CA ASP A 48 -7.05 -31.47 11.81
C ASP A 48 -7.73 -31.25 10.45
N ALA A 49 -8.37 -30.08 10.30
CA ALA A 49 -9.04 -29.70 9.05
C ALA A 49 -8.02 -29.50 7.93
N VAL A 50 -6.82 -29.02 8.27
CA VAL A 50 -5.79 -28.87 7.25
C VAL A 50 -5.36 -30.26 6.77
N LEU A 51 -5.07 -31.14 7.71
CA LEU A 51 -4.59 -32.48 7.38
C LEU A 51 -5.61 -33.30 6.60
N ASP A 52 -6.91 -33.11 6.88
CA ASP A 52 -7.97 -33.78 6.13
C ASP A 52 -7.89 -33.59 4.61
N VAL A 53 -7.21 -32.56 4.19
CA VAL A 53 -7.08 -32.24 2.77
C VAL A 53 -6.10 -33.21 2.10
N PHE A 54 -5.17 -33.77 2.87
CA PHE A 54 -4.03 -34.49 2.27
C PHE A 54 -4.04 -35.98 2.53
N THR A 55 -3.50 -36.74 1.57
CA THR A 55 -3.19 -38.13 1.83
C THR A 55 -2.10 -38.21 2.92
N GLU A 56 -2.05 -39.37 3.58
CA GLU A 56 -1.13 -39.60 4.68
C GLU A 56 0.34 -39.39 4.28
N ASP A 57 0.58 -39.63 2.99
CA ASP A 57 1.89 -39.68 2.35
C ASP A 57 2.22 -38.38 1.57
N ALA A 58 1.32 -37.40 1.61
CA ALA A 58 1.37 -36.22 0.75
C ALA A 58 2.69 -35.47 0.82
N VAL A 59 3.12 -34.92 -0.33
CA VAL A 59 4.31 -34.11 -0.41
C VAL A 59 3.86 -32.66 -0.33
N PHE A 60 4.31 -31.96 0.72
CA PHE A 60 3.87 -30.60 1.02
C PHE A 60 5.12 -29.74 0.82
N ASP A 61 5.30 -29.26 -0.41
CA ASP A 61 6.61 -28.73 -0.84
C ASP A 61 6.46 -27.30 -1.32
N LEU A 62 6.66 -26.35 -0.40
CA LEU A 62 6.51 -24.94 -0.69
C LEU A 62 7.88 -24.29 -0.92
N SER A 63 8.85 -25.11 -1.37
CA SER A 63 10.17 -24.59 -1.71
C SER A 63 10.12 -23.57 -2.84
N GLY A 64 9.06 -23.59 -3.65
CA GLY A 64 8.86 -22.59 -4.69
C GLY A 64 8.64 -21.16 -4.21
N ILE A 65 8.20 -20.98 -2.96
CA ILE A 65 8.12 -19.65 -2.34
C ILE A 65 9.09 -19.53 -1.18
N GLY A 66 10.04 -20.45 -1.12
CA GLY A 66 11.18 -20.31 -0.25
C GLY A 66 11.11 -21.02 1.09
N LEU A 67 10.15 -21.94 1.24
CA LEU A 67 9.94 -22.65 2.50
C LEU A 67 10.46 -24.09 2.44
N THR A 68 10.80 -24.67 3.59
CA THR A 68 11.34 -26.04 3.63
C THR A 68 10.24 -27.08 3.33
N PRO A 69 10.54 -28.04 2.44
CA PRO A 69 9.58 -29.13 2.14
C PRO A 69 9.20 -29.97 3.34
N GLN A 70 7.97 -30.48 3.35
CA GLN A 70 7.51 -31.45 4.37
C GLN A 70 6.85 -32.62 3.69
N VAL A 71 6.80 -33.75 4.34
CA VAL A 71 6.17 -34.92 3.76
C VAL A 71 5.34 -35.57 4.83
N GLY A 72 4.11 -35.90 4.50
CA GLY A 72 3.26 -36.67 5.39
C GLY A 72 2.54 -35.78 6.37
N HIS A 73 1.59 -36.36 7.09
CA HIS A 73 0.80 -35.60 8.07
C HIS A 73 1.69 -35.07 9.18
N ALA A 74 2.69 -35.84 9.59
CA ALA A 74 3.58 -35.41 10.67
C ALA A 74 4.28 -34.11 10.31
N GLY A 75 4.73 -34.01 9.06
CA GLY A 75 5.46 -32.84 8.59
C GLY A 75 4.55 -31.63 8.41
N ILE A 76 3.37 -31.85 7.86
CA ILE A 76 2.39 -30.79 7.66
C ILE A 76 1.91 -30.23 9.02
N ARG A 77 1.70 -31.13 9.98
N ARG A 77 1.70 -31.12 9.98
CA ARG A 77 1.31 -30.74 11.34
CA ARG A 77 1.29 -30.73 11.34
C ARG A 77 2.37 -29.84 11.98
C ARG A 77 2.36 -29.85 11.99
N GLU A 78 3.65 -30.18 11.77
CA GLU A 78 4.76 -29.39 12.29
C GLU A 78 4.69 -28.01 11.68
N PHE A 79 4.52 -27.95 10.36
CA PHE A 79 4.49 -26.70 9.64
C PHE A 79 3.42 -25.78 10.22
N PHE A 80 2.20 -26.28 10.35
CA PHE A 80 1.10 -25.46 10.83
C PHE A 80 1.08 -25.20 12.32
N THR A 81 1.65 -26.11 13.11
CA THR A 81 1.77 -25.81 14.52
C THR A 81 2.56 -24.48 14.65
N ASN A 82 3.54 -24.29 13.78
CA ASN A 82 4.37 -23.09 13.85
C ASN A 82 3.64 -21.86 13.28
N VAL A 83 3.12 -22.01 12.08
CA VAL A 83 2.37 -20.93 11.44
C VAL A 83 1.27 -20.43 12.36
N PHE A 84 0.49 -21.33 12.95
CA PHE A 84 -0.63 -20.93 13.77
C PHE A 84 -0.21 -20.28 15.09
N ALA A 85 0.93 -20.72 15.62
CA ALA A 85 1.53 -20.10 16.77
C ALA A 85 1.99 -18.68 16.50
N ASN A 86 2.42 -18.37 15.30
CA ASN A 86 3.03 -17.07 15.00
C ASN A 86 2.09 -16.04 14.38
N MSE A 87 0.96 -16.50 13.84
CA MSE A 87 0.11 -15.64 13.05
C MSE A 87 -1.12 -15.21 13.82
O MSE A 87 -1.60 -15.93 14.67
CB MSE A 87 -0.33 -16.34 11.79
CG MSE A 87 0.85 -16.66 10.88
SE MSE A 87 1.87 -15.10 10.31
CE MSE A 87 0.51 -14.38 9.25
N SER A 88 -1.62 -14.02 13.49
N SER A 88 -1.63 -14.01 13.51
CA SER A 88 -2.80 -13.45 14.14
CA SER A 88 -2.84 -13.49 14.14
C SER A 88 -4.01 -13.60 13.23
C SER A 88 -4.03 -13.65 13.20
N HIS A 89 -3.85 -13.19 11.97
CA HIS A 89 -4.92 -13.24 10.97
C HIS A 89 -4.40 -13.68 9.59
N HIS A 90 -5.28 -14.39 8.86
CA HIS A 90 -4.99 -14.97 7.55
C HIS A 90 -6.17 -14.76 6.63
N ALA A 91 -5.89 -14.66 5.34
CA ALA A 91 -6.91 -14.73 4.29
C ALA A 91 -6.25 -15.30 3.04
N HIS A 92 -6.79 -16.40 2.51
CA HIS A 92 -6.24 -17.02 1.30
C HIS A 92 -7.31 -17.10 0.23
N TYR A 93 -7.27 -16.08 -0.62
CA TYR A 93 -8.20 -15.99 -1.71
C TYR A 93 -7.68 -16.82 -2.86
N LEU A 94 -8.54 -17.68 -3.43
CA LEU A 94 -8.15 -18.57 -4.53
C LEU A 94 -9.01 -18.32 -5.72
N THR A 95 -8.37 -18.19 -6.87
CA THR A 95 -9.08 -17.74 -8.08
C THR A 95 -8.41 -18.45 -9.30
N ASN A 96 -8.95 -18.21 -10.49
CA ASN A 96 -8.35 -18.66 -11.74
C ASN A 96 -8.12 -20.18 -11.71
N PHE A 97 -9.10 -20.92 -11.19
CA PHE A 97 -8.95 -22.37 -11.11
C PHE A 97 -8.86 -22.93 -12.53
N ALA A 98 -7.92 -23.84 -12.73
CA ALA A 98 -7.71 -24.51 -14.03
C ALA A 98 -7.30 -25.98 -13.86
N VAL A 99 -8.01 -26.90 -14.51
CA VAL A 99 -7.63 -28.33 -14.51
C VAL A 99 -6.44 -28.46 -15.46
N THR A 100 -5.31 -28.91 -14.94
CA THR A 100 -4.10 -29.00 -15.74
C THR A 100 -3.79 -30.45 -16.11
N GLY A 101 -4.54 -31.40 -15.59
CA GLY A 101 -4.31 -32.79 -15.93
C GLY A 101 -5.44 -33.64 -15.39
N TYR A 102 -5.78 -34.70 -16.09
CA TYR A 102 -6.80 -35.63 -15.61
C TYR A 102 -6.56 -37.01 -16.22
N GLU A 103 -6.28 -37.99 -15.36
CA GLU A 103 -6.07 -39.37 -15.80
C GLU A 103 -7.15 -40.32 -15.34
N GLY A 104 -8.19 -39.85 -14.67
CA GLY A 104 -9.28 -40.73 -14.21
C GLY A 104 -9.35 -40.74 -12.71
N ASP A 105 -8.37 -41.39 -12.09
CA ASP A 105 -8.26 -41.45 -10.63
C ASP A 105 -7.20 -40.48 -10.08
N THR A 106 -6.49 -39.80 -10.97
CA THR A 106 -5.58 -38.72 -10.57
C THR A 106 -5.87 -37.50 -11.45
N ALA A 107 -5.54 -36.33 -10.93
CA ALA A 107 -5.75 -35.08 -11.64
C ALA A 107 -4.83 -34.05 -11.06
N SER A 108 -4.80 -32.90 -11.70
CA SER A 108 -4.08 -31.75 -11.19
C SER A 108 -4.81 -30.46 -11.50
N MSE A 109 -4.70 -29.53 -10.56
N MSE A 109 -4.70 -29.51 -10.58
CA MSE A 109 -5.37 -28.24 -10.66
CA MSE A 109 -5.41 -28.25 -10.71
C MSE A 109 -4.41 -27.14 -10.28
C MSE A 109 -4.52 -27.10 -10.22
O MSE A 109 -3.60 -27.29 -9.37
O MSE A 109 -3.88 -27.19 -9.19
CB MSE A 109 -6.61 -28.19 -9.77
CB MSE A 109 -6.73 -28.29 -9.93
CG MSE A 109 -7.48 -26.94 -10.04
CG MSE A 109 -7.76 -27.20 -10.34
SE MSE A 109 -9.17 -26.88 -9.13
SE MSE A 109 -9.62 -27.61 -9.89
CE MSE A 109 -8.64 -27.58 -7.45
CE MSE A 109 -9.83 -29.24 -10.86
N ARG A 110 -4.49 -26.03 -11.00
CA ARG A 110 -3.78 -24.79 -10.67
C ARG A 110 -4.78 -23.75 -10.20
N ALA A 111 -4.38 -22.90 -9.25
CA ALA A 111 -5.18 -21.75 -8.82
C ALA A 111 -4.20 -20.61 -8.54
N TYR A 112 -4.69 -19.38 -8.65
CA TYR A 112 -3.97 -18.21 -8.17
C TYR A 112 -4.36 -18.00 -6.71
N VAL A 113 -3.42 -17.49 -5.90
CA VAL A 113 -3.67 -17.14 -4.51
C VAL A 113 -3.28 -15.69 -4.25
N ILE A 114 -4.13 -14.99 -3.47
CA ILE A 114 -3.74 -13.82 -2.72
C ILE A 114 -3.69 -14.30 -1.28
N GLY A 115 -2.48 -14.56 -0.81
CA GLY A 115 -2.23 -15.08 0.53
C GLY A 115 -1.78 -13.98 1.47
N MSE A 116 -2.69 -13.57 2.34
CA MSE A 116 -2.48 -12.43 3.23
C MSE A 116 -2.37 -12.93 4.66
O MSE A 116 -3.08 -13.88 5.07
CB MSE A 116 -3.66 -11.47 3.21
CG MSE A 116 -4.12 -11.02 1.90
SE MSE A 116 -5.61 -9.84 2.17
CE MSE A 116 -4.71 -8.32 3.05
CE MSE A 116 -5.76 -9.47 0.31
N GLY A 117 -1.51 -12.26 5.43
CA GLY A 117 -1.44 -12.49 6.85
C GLY A 117 -0.87 -11.31 7.61
N VAL A 118 -1.18 -11.30 8.89
CA VAL A 118 -0.45 -10.46 9.82
C VAL A 118 -0.04 -11.31 11.01
N GLY A 119 1.23 -11.19 11.41
CA GLY A 119 1.74 -11.92 12.56
C GLY A 119 1.30 -11.34 13.88
N LYS A 120 1.49 -12.10 14.94
CA LYS A 120 1.29 -11.60 16.28
C LYS A 120 2.29 -10.49 16.57
N ASP A 121 3.40 -10.48 15.83
CA ASP A 121 4.41 -9.44 15.94
C ASP A 121 4.08 -8.21 15.12
N GLY A 122 2.94 -8.22 14.44
CA GLY A 122 2.44 -7.07 13.73
C GLY A 122 2.91 -6.97 12.30
N ARG A 123 3.76 -7.89 11.86
CA ARG A 123 4.29 -7.86 10.48
C ARG A 123 3.35 -8.50 9.50
N ALA A 124 3.13 -7.77 8.40
CA ALA A 124 2.23 -8.19 7.36
C ALA A 124 2.99 -9.01 6.30
N VAL A 125 2.27 -9.89 5.64
CA VAL A 125 2.78 -10.61 4.49
C VAL A 125 1.66 -10.71 3.45
N THR A 126 2.00 -10.56 2.16
CA THR A 126 1.07 -10.91 1.07
C THR A 126 1.87 -11.67 0.00
N VAL A 127 1.42 -12.91 -0.25
CA VAL A 127 1.86 -13.74 -1.40
C VAL A 127 0.89 -13.57 -2.58
N ASN A 128 1.39 -13.09 -3.70
CA ASN A 128 0.69 -13.15 -4.98
C ASN A 128 1.34 -14.29 -5.75
N GLY A 129 0.66 -15.41 -5.75
CA GLY A 129 1.25 -16.61 -6.29
C GLY A 129 0.27 -17.62 -6.85
N ARG A 130 0.75 -18.84 -7.01
CA ARG A 130 -0.04 -19.94 -7.54
C ARG A 130 0.09 -21.18 -6.71
N TYR A 131 -1.03 -21.90 -6.64
CA TYR A 131 -1.10 -23.20 -6.00
C TYR A 131 -1.13 -24.25 -7.09
N PHE A 132 -0.39 -25.33 -6.90
CA PHE A 132 -0.47 -26.49 -7.79
C PHE A 132 -0.79 -27.69 -6.95
N PHE A 133 -2.00 -28.19 -7.10
CA PHE A 133 -2.45 -29.40 -6.42
C PHE A 133 -2.43 -30.58 -7.37
N GLU A 134 -1.80 -31.68 -6.95
N GLU A 134 -1.79 -31.66 -6.92
CA GLU A 134 -1.97 -33.01 -7.58
CA GLU A 134 -1.98 -32.99 -7.51
C GLU A 134 -2.84 -33.82 -6.60
C GLU A 134 -2.93 -33.72 -6.56
N VAL A 135 -3.94 -34.39 -7.13
CA VAL A 135 -4.97 -35.06 -6.35
C VAL A 135 -5.20 -36.48 -6.83
N ARG A 136 -5.75 -37.28 -5.93
CA ARG A 136 -6.08 -38.69 -6.17
C ARG A 136 -7.48 -38.94 -5.59
N ARG A 137 -8.27 -39.73 -6.29
CA ARG A 137 -9.57 -40.20 -5.78
C ARG A 137 -9.38 -41.17 -4.66
N THR A 138 -10.00 -40.91 -3.52
CA THR A 138 -9.94 -41.84 -2.43
C THR A 138 -11.39 -42.23 -2.08
N GLU A 139 -11.52 -43.24 -1.22
CA GLU A 139 -12.82 -43.67 -0.68
C GLU A 139 -13.48 -42.54 0.12
N LYS A 140 -12.69 -41.55 0.56
CA LYS A 140 -13.21 -40.38 1.25
C LYS A 140 -13.19 -39.14 0.34
N GLY A 141 -13.13 -39.35 -0.99
CA GLY A 141 -13.12 -38.24 -1.96
C GLY A 141 -11.74 -37.86 -2.48
N TRP A 142 -11.67 -36.82 -3.31
CA TRP A 142 -10.38 -36.33 -3.81
C TRP A 142 -9.54 -35.81 -2.64
N LYS A 143 -8.27 -36.22 -2.58
CA LYS A 143 -7.32 -35.70 -1.61
C LYS A 143 -6.06 -35.30 -2.32
N ALA A 144 -5.34 -34.33 -1.75
CA ALA A 144 -4.07 -33.89 -2.31
C ALA A 144 -2.91 -34.84 -1.95
N THR A 145 -2.20 -35.28 -2.99
CA THR A 145 -0.99 -36.06 -2.81
C THR A 145 0.30 -35.23 -2.97
N ARG A 146 0.20 -34.10 -3.66
N ARG A 146 0.19 -34.10 -3.66
CA ARG A 146 1.33 -33.17 -3.80
CA ARG A 146 1.31 -33.16 -3.84
C ARG A 146 0.84 -31.74 -3.94
C ARG A 146 0.80 -31.73 -3.91
N TYR A 147 1.48 -30.84 -3.20
CA TYR A 147 1.14 -29.43 -3.20
C TYR A 147 2.43 -28.65 -3.31
N THR A 148 2.49 -27.80 -4.33
CA THR A 148 3.62 -26.92 -4.59
C THR A 148 3.09 -25.52 -4.91
N MSE A 149 4.00 -24.55 -4.93
CA MSE A 149 3.66 -23.16 -5.22
C MSE A 149 4.75 -22.43 -5.98
O MSE A 149 5.91 -22.87 -6.07
CB MSE A 149 3.42 -22.41 -3.91
CG MSE A 149 2.17 -22.82 -3.14
SE MSE A 149 1.91 -21.60 -1.64
CE MSE A 149 1.72 -19.94 -2.64
N ASP A 150 4.37 -21.29 -6.55
CA ASP A 150 5.36 -20.31 -6.95
C ASP A 150 4.76 -18.90 -6.91
N PHE A 151 5.58 -17.91 -7.25
CA PHE A 151 5.20 -16.52 -7.19
C PHE A 151 4.77 -15.97 -8.57
N LEU A 152 3.79 -15.09 -8.59
CA LEU A 152 3.49 -14.25 -9.75
C LEU A 152 4.10 -12.87 -9.56
N MSE A 153 4.21 -12.42 -8.31
CA MSE A 153 4.86 -11.15 -7.99
C MSE A 153 5.85 -11.37 -6.88
O MSE A 153 5.72 -12.35 -6.14
CB MSE A 153 3.83 -10.09 -7.55
CG MSE A 153 2.75 -9.76 -8.54
SE MSE A 153 3.21 -8.75 -10.07
CE MSE A 153 3.27 -7.06 -9.22
N PRO A 154 6.83 -10.46 -6.75
CA PRO A 154 7.77 -10.47 -5.63
C PRO A 154 7.05 -10.48 -4.30
N LEU A 155 7.50 -11.29 -3.38
CA LEU A 155 6.94 -11.38 -2.05
C LEU A 155 6.87 -10.00 -1.41
N SER A 156 5.74 -9.73 -0.76
N SER A 156 5.74 -9.72 -0.77
CA SER A 156 5.53 -8.54 0.03
CA SER A 156 5.54 -8.51 0.03
C SER A 156 5.55 -8.99 1.49
C SER A 156 5.52 -8.95 1.50
N GLY A 157 6.57 -8.59 2.22
CA GLY A 157 6.69 -9.00 3.62
C GLY A 157 7.68 -10.10 3.79
N THR A 158 7.54 -10.81 4.92
N THR A 158 7.45 -10.90 4.81
CA THR A 158 8.41 -11.91 5.28
CA THR A 158 8.41 -11.91 5.16
C THR A 158 7.57 -13.17 5.38
C THR A 158 7.63 -13.16 5.53
N LEU A 159 8.21 -14.31 5.19
CA LEU A 159 7.60 -15.58 5.46
C LEU A 159 8.30 -16.15 6.70
N ASP A 160 8.80 -15.25 7.55
CA ASP A 160 9.54 -15.62 8.76
C ASP A 160 8.64 -16.23 9.84
N ASN A 161 7.37 -15.79 9.88
CA ASN A 161 6.36 -16.38 10.80
C ASN A 161 5.86 -17.78 10.30
N ALA A 162 6.21 -18.12 9.05
CA ALA A 162 6.02 -19.47 8.45
C ALA A 162 7.32 -20.32 8.41
N LYS A 163 8.41 -19.73 8.92
CA LYS A 163 9.72 -20.39 9.03
C LYS A 163 10.05 -20.68 10.50
N MSE B 20 -28.80 -33.54 2.27
CA MSE B 20 -28.83 -33.76 0.79
C MSE B 20 -27.89 -32.79 0.02
O MSE B 20 -27.64 -31.67 0.47
CB MSE B 20 -30.26 -33.66 0.26
CG MSE B 20 -30.92 -32.25 0.39
SE MSE B 20 -32.91 -32.25 0.20
CE MSE B 20 -33.11 -33.82 -1.01
N GLN B 21 -27.40 -33.26 -1.13
CA GLN B 21 -26.44 -32.50 -1.96
C GLN B 21 -27.10 -31.40 -2.82
N CYS B 22 -26.46 -30.24 -2.87
CA CYS B 22 -26.97 -29.12 -3.66
C CYS B 22 -26.73 -29.35 -5.16
N PRO B 23 -27.79 -29.30 -5.98
CA PRO B 23 -27.50 -29.53 -7.41
C PRO B 23 -26.56 -28.50 -8.01
N ILE B 24 -25.72 -28.91 -8.95
CA ILE B 24 -24.75 -27.98 -9.55
C ILE B 24 -25.48 -26.72 -10.07
N GLU B 25 -26.63 -26.94 -10.70
CA GLU B 25 -27.44 -25.87 -11.26
C GLU B 25 -27.75 -24.80 -10.18
N ASP B 26 -28.09 -25.27 -8.99
CA ASP B 26 -28.46 -24.37 -7.90
C ASP B 26 -27.23 -23.75 -7.26
N ARG B 27 -26.14 -24.49 -7.18
CA ARG B 27 -24.90 -23.91 -6.68
C ARG B 27 -24.53 -22.68 -7.51
N LEU B 28 -24.57 -22.82 -8.83
CA LEU B 28 -24.20 -21.73 -9.75
C LEU B 28 -25.21 -20.59 -9.71
N ALA B 29 -26.49 -20.91 -9.55
CA ALA B 29 -27.52 -19.89 -9.43
C ALA B 29 -27.31 -18.99 -8.21
N ILE B 30 -26.94 -19.62 -7.10
CA ILE B 30 -26.74 -18.93 -5.83
C ILE B 30 -25.47 -18.11 -5.90
N GLN B 31 -24.41 -18.67 -6.45
N GLN B 31 -24.42 -18.69 -6.45
CA GLN B 31 -23.20 -17.90 -6.78
CA GLN B 31 -23.20 -17.94 -6.78
C GLN B 31 -23.53 -16.68 -7.66
C GLN B 31 -23.50 -16.71 -7.67
N ASP B 32 -24.35 -16.90 -8.68
CA ASP B 32 -24.72 -15.82 -9.58
C ASP B 32 -25.51 -14.73 -8.90
N LEU B 33 -26.36 -15.11 -7.92
CA LEU B 33 -27.11 -14.13 -7.14
C LEU B 33 -26.15 -13.25 -6.39
N MSE B 34 -25.15 -13.86 -5.78
CA MSE B 34 -24.18 -13.14 -4.99
C MSE B 34 -23.34 -12.21 -5.87
O MSE B 34 -23.00 -11.11 -5.45
CB MSE B 34 -23.29 -14.12 -4.21
CG MSE B 34 -24.05 -14.88 -3.11
SE MSE B 34 -22.91 -16.08 -2.06
CE MSE B 34 -21.98 -14.88 -0.86
N ILE B 35 -22.99 -12.67 -7.06
CA ILE B 35 -22.22 -11.91 -8.01
C ILE B 35 -23.08 -10.75 -8.55
N ALA B 36 -24.38 -11.00 -8.73
CA ALA B 36 -25.35 -9.97 -9.10
C ALA B 36 -25.48 -8.88 -8.05
N TYR B 37 -25.50 -9.27 -6.79
CA TYR B 37 -25.48 -8.31 -5.68
C TYR B 37 -24.22 -7.42 -5.73
N ALA B 38 -23.05 -8.05 -5.89
CA ALA B 38 -21.78 -7.31 -6.05
C ALA B 38 -21.88 -6.32 -7.19
N HIS B 39 -22.43 -6.72 -8.33
CA HIS B 39 -22.58 -5.86 -9.49
C HIS B 39 -23.51 -4.68 -9.20
N ALA B 40 -24.60 -4.95 -8.50
CA ALA B 40 -25.56 -3.90 -8.15
C ALA B 40 -24.87 -2.89 -7.21
N VAL B 41 -24.17 -3.36 -6.18
CA VAL B 41 -23.44 -2.44 -5.29
C VAL B 41 -22.40 -1.60 -6.06
N ASP B 42 -21.72 -2.27 -7.00
CA ASP B 42 -20.63 -1.67 -7.77
C ASP B 42 -21.08 -0.66 -8.83
N THR B 43 -22.39 -0.60 -9.08
CA THR B 43 -22.96 0.52 -9.85
C THR B 43 -22.85 1.84 -9.12
N VAL B 44 -22.81 1.78 -7.80
CA VAL B 44 -22.84 2.94 -6.93
C VAL B 44 -24.11 3.76 -7.19
N SER B 45 -25.16 3.15 -7.69
CA SER B 45 -26.37 3.92 -8.01
C SER B 45 -27.69 3.16 -8.03
N ASP B 46 -27.66 1.90 -8.46
CA ASP B 46 -28.89 1.18 -8.82
C ASP B 46 -29.52 0.43 -7.64
N ILE B 47 -30.27 1.17 -6.82
CA ILE B 47 -30.92 0.63 -5.63
C ILE B 47 -31.89 -0.49 -6.00
N ASP B 48 -32.61 -0.30 -7.08
CA ASP B 48 -33.59 -1.32 -7.50
C ASP B 48 -32.92 -2.66 -7.77
N ALA B 49 -31.75 -2.62 -8.43
CA ALA B 49 -30.95 -3.81 -8.66
C ALA B 49 -30.44 -4.47 -7.36
N VAL B 50 -30.07 -3.66 -6.37
CA VAL B 50 -29.74 -4.21 -5.07
C VAL B 50 -30.95 -4.91 -4.45
N LEU B 51 -32.08 -4.21 -4.39
CA LEU B 51 -33.29 -4.74 -3.75
C LEU B 51 -33.76 -6.04 -4.39
N ASP B 52 -33.55 -6.17 -5.70
CA ASP B 52 -33.98 -7.36 -6.43
C ASP B 52 -33.31 -8.66 -5.93
N VAL B 53 -32.19 -8.53 -5.27
CA VAL B 53 -31.46 -9.68 -4.72
C VAL B 53 -32.17 -10.29 -3.49
N PHE B 54 -32.93 -9.47 -2.77
CA PHE B 54 -33.44 -9.81 -1.45
C PHE B 54 -34.94 -10.04 -1.41
N THR B 55 -35.38 -10.96 -0.56
CA THR B 55 -36.78 -11.04 -0.27
C THR B 55 -37.25 -9.76 0.47
N GLU B 56 -38.56 -9.55 0.51
CA GLU B 56 -39.14 -8.33 1.08
C GLU B 56 -38.86 -8.21 2.58
N ASP B 57 -38.72 -9.36 3.22
CA ASP B 57 -38.53 -9.54 4.66
C ASP B 57 -37.04 -9.74 5.05
N ALA B 58 -36.14 -9.57 4.08
CA ALA B 58 -34.76 -10.00 4.24
C ALA B 58 -34.07 -9.30 5.39
N VAL B 59 -33.23 -10.05 6.09
CA VAL B 59 -32.38 -9.53 7.15
C VAL B 59 -31.04 -9.12 6.52
N PHE B 60 -30.80 -7.83 6.46
CA PHE B 60 -29.56 -7.25 5.95
C PHE B 60 -28.74 -6.79 7.17
N ASP B 61 -27.91 -7.69 7.69
CA ASP B 61 -27.27 -7.54 9.02
C ASP B 61 -25.75 -7.52 8.93
N LEU B 62 -25.22 -6.31 8.77
CA LEU B 62 -23.79 -6.09 8.65
C LEU B 62 -23.15 -5.69 9.98
N SER B 63 -23.77 -6.11 11.09
CA SER B 63 -23.26 -5.84 12.43
C SER B 63 -21.92 -6.53 12.64
N GLY B 64 -21.65 -7.60 11.90
CA GLY B 64 -20.35 -8.27 11.97
C GLY B 64 -19.15 -7.41 11.52
N ILE B 65 -19.41 -6.36 10.74
CA ILE B 65 -18.37 -5.40 10.40
C ILE B 65 -18.64 -4.01 11.03
N GLY B 66 -19.60 -3.97 11.96
CA GLY B 66 -19.85 -2.76 12.77
C GLY B 66 -20.90 -1.81 12.27
N LEU B 67 -21.75 -2.28 11.38
CA LEU B 67 -22.85 -1.47 10.84
C LEU B 67 -24.19 -1.88 11.46
N THR B 68 -25.13 -0.94 11.55
CA THR B 68 -26.40 -1.19 12.16
C THR B 68 -27.20 -2.15 11.29
N PRO B 69 -27.81 -3.20 11.89
CA PRO B 69 -28.67 -4.06 11.09
C PRO B 69 -29.89 -3.37 10.50
N GLN B 70 -30.33 -3.87 9.35
CA GLN B 70 -31.56 -3.42 8.70
C GLN B 70 -32.40 -4.63 8.32
N VAL B 71 -33.71 -4.44 8.28
CA VAL B 71 -34.62 -5.50 7.86
C VAL B 71 -35.53 -4.96 6.74
N GLY B 72 -35.72 -5.77 5.71
CA GLY B 72 -36.69 -5.45 4.67
C GLY B 72 -36.16 -4.52 3.61
N HIS B 73 -36.91 -4.37 2.55
CA HIS B 73 -36.50 -3.51 1.44
C HIS B 73 -36.39 -2.03 1.86
N ALA B 74 -37.26 -1.55 2.73
CA ALA B 74 -37.20 -0.17 3.17
C ALA B 74 -35.85 0.10 3.85
N GLY B 75 -35.43 -0.82 4.72
CA GLY B 75 -34.15 -0.68 5.43
C GLY B 75 -32.94 -0.78 4.53
N ILE B 76 -32.99 -1.70 3.58
CA ILE B 76 -31.92 -1.85 2.62
C ILE B 76 -31.85 -0.60 1.72
N ARG B 77 -33.01 -0.08 1.32
N ARG B 77 -33.01 -0.07 1.34
CA ARG B 77 -33.04 1.14 0.53
CA ARG B 77 -33.07 1.14 0.52
C ARG B 77 -32.36 2.28 1.29
C ARG B 77 -32.48 2.36 1.24
N GLU B 78 -32.72 2.46 2.56
CA GLU B 78 -32.14 3.53 3.40
C GLU B 78 -30.63 3.41 3.43
N PHE B 79 -30.16 2.19 3.69
CA PHE B 79 -28.74 1.88 3.73
C PHE B 79 -28.01 2.32 2.45
N PHE B 80 -28.55 1.96 1.29
CA PHE B 80 -27.87 2.25 0.06
C PHE B 80 -28.11 3.65 -0.45
N THR B 81 -29.21 4.29 -0.03
CA THR B 81 -29.39 5.70 -0.36
C THR B 81 -28.21 6.50 0.18
N ASN B 82 -27.83 6.18 1.43
CA ASN B 82 -26.73 6.80 2.12
C ASN B 82 -25.39 6.43 1.49
N VAL B 83 -25.14 5.13 1.34
CA VAL B 83 -23.90 4.64 0.76
C VAL B 83 -23.67 5.23 -0.62
N PHE B 84 -24.69 5.19 -1.49
CA PHE B 84 -24.55 5.68 -2.83
C PHE B 84 -24.37 7.20 -2.86
N ALA B 85 -24.93 7.91 -1.89
CA ALA B 85 -24.75 9.35 -1.85
C ALA B 85 -23.32 9.68 -1.44
N ASN B 86 -22.68 8.83 -0.66
CA ASN B 86 -21.40 9.15 -0.06
C ASN B 86 -20.20 8.64 -0.84
N MSE B 87 -20.42 7.63 -1.68
CA MSE B 87 -19.34 6.92 -2.36
C MSE B 87 -19.12 7.37 -3.78
O MSE B 87 -20.07 7.76 -4.48
CB MSE B 87 -19.60 5.41 -2.34
CG MSE B 87 -19.54 4.80 -0.96
SE MSE B 87 -17.94 5.15 0.13
CE MSE B 87 -16.77 3.89 -0.70
N SER B 88 -17.87 7.31 -4.21
N SER B 88 -17.88 7.30 -4.21
CA SER B 88 -17.48 7.63 -5.56
CA SER B 88 -17.52 7.64 -5.58
C SER B 88 -17.30 6.36 -6.41
C SER B 88 -17.30 6.36 -6.43
N HIS B 89 -16.53 5.40 -5.89
CA HIS B 89 -16.25 4.15 -6.59
C HIS B 89 -16.24 2.97 -5.66
N HIS B 90 -16.60 1.82 -6.21
CA HIS B 90 -16.73 0.55 -5.46
C HIS B 90 -16.23 -0.61 -6.30
N ALA B 91 -15.70 -1.65 -5.65
CA ALA B 91 -15.42 -2.92 -6.32
C ALA B 91 -15.55 -4.02 -5.28
N HIS B 92 -16.45 -4.96 -5.50
CA HIS B 92 -16.61 -6.10 -4.59
C HIS B 92 -16.29 -7.44 -5.24
N TYR B 93 -15.06 -7.90 -5.02
CA TYR B 93 -14.59 -9.15 -5.59
C TYR B 93 -15.04 -10.27 -4.65
N LEU B 94 -15.67 -11.30 -5.19
CA LEU B 94 -16.18 -12.43 -4.42
C LEU B 94 -15.52 -13.70 -4.90
N THR B 95 -14.96 -14.46 -3.95
CA THR B 95 -14.20 -15.65 -4.28
C THR B 95 -14.48 -16.73 -3.24
N ASN B 96 -13.88 -17.90 -3.44
CA ASN B 96 -13.91 -19.00 -2.53
C ASN B 96 -15.36 -19.41 -2.17
N PHE B 97 -16.24 -19.50 -3.17
CA PHE B 97 -17.64 -19.83 -2.87
C PHE B 97 -17.73 -21.25 -2.33
N ALA B 98 -18.52 -21.44 -1.29
CA ALA B 98 -18.74 -22.74 -0.64
C ALA B 98 -20.21 -22.81 -0.24
N VAL B 99 -20.88 -23.91 -0.60
CA VAL B 99 -22.23 -24.18 -0.13
C VAL B 99 -22.12 -24.66 1.30
N THR B 100 -22.79 -24.02 2.23
CA THR B 100 -22.64 -24.40 3.63
C THR B 100 -23.91 -25.09 4.14
N GLY B 101 -24.96 -25.12 3.35
CA GLY B 101 -26.18 -25.85 3.70
C GLY B 101 -27.10 -25.88 2.51
N TYR B 102 -27.89 -26.94 2.42
CA TYR B 102 -28.89 -27.06 1.36
C TYR B 102 -30.04 -27.93 1.86
N GLU B 103 -31.25 -27.40 1.80
CA GLU B 103 -32.42 -28.12 2.29
C GLU B 103 -33.52 -28.12 1.23
N GLY B 104 -33.14 -28.01 -0.05
CA GLY B 104 -34.09 -28.08 -1.16
C GLY B 104 -34.60 -26.73 -1.58
N ASP B 105 -35.45 -26.16 -0.72
N ASP B 105 -35.47 -26.13 -0.77
CA ASP B 105 -36.09 -24.87 -0.95
CA ASP B 105 -36.01 -24.82 -1.08
C ASP B 105 -35.29 -23.72 -0.34
C ASP B 105 -35.31 -23.70 -0.30
N THR B 106 -34.29 -24.06 0.47
CA THR B 106 -33.44 -23.07 1.12
C THR B 106 -31.98 -23.53 1.07
N ALA B 107 -31.06 -22.58 1.19
CA ALA B 107 -29.66 -22.91 1.14
C ALA B 107 -28.86 -21.80 1.80
N SER B 108 -27.60 -22.10 2.04
CA SER B 108 -26.69 -21.11 2.49
C SER B 108 -25.34 -21.24 1.79
N MSE B 109 -24.72 -20.08 1.61
CA MSE B 109 -23.45 -20.02 0.92
C MSE B 109 -22.55 -18.97 1.54
O MSE B 109 -23.00 -17.90 1.96
CB MSE B 109 -23.66 -19.78 -0.56
CG MSE B 109 -22.35 -19.66 -1.36
SE MSE B 109 -22.62 -19.56 -3.28
CE MSE B 109 -23.31 -21.28 -3.56
N ARG B 110 -21.26 -19.31 1.63
CA ARG B 110 -20.19 -18.43 2.08
C ARG B 110 -19.34 -18.00 0.90
N ALA B 111 -18.80 -16.78 0.96
CA ALA B 111 -17.80 -16.33 -0.03
C ALA B 111 -16.82 -15.41 0.70
N TYR B 112 -15.60 -15.34 0.19
CA TYR B 112 -14.65 -14.31 0.62
C TYR B 112 -14.95 -13.07 -0.20
N VAL B 113 -14.70 -11.90 0.40
CA VAL B 113 -14.84 -10.62 -0.31
C VAL B 113 -13.55 -9.80 -0.14
N ILE B 114 -13.18 -9.15 -1.23
CA ILE B 114 -12.36 -7.94 -1.21
C ILE B 114 -13.29 -6.80 -1.59
N GLY B 115 -13.67 -6.03 -0.58
CA GLY B 115 -14.64 -4.95 -0.77
C GLY B 115 -13.94 -3.62 -0.68
N MSE B 116 -13.79 -2.98 -1.83
CA MSE B 116 -13.06 -1.73 -1.94
C MSE B 116 -13.98 -0.61 -2.24
O MSE B 116 -14.99 -0.74 -2.92
CB MSE B 116 -12.05 -1.76 -3.08
CG MSE B 116 -11.20 -2.93 -3.14
SE MSE B 116 -10.15 -2.88 -4.82
CE MSE B 116 -9.03 -4.33 -4.27
CE MSE B 116 -11.51 -2.40 -6.03
N GLY B 117 -13.59 0.55 -1.76
CA GLY B 117 -14.31 1.76 -2.05
C GLY B 117 -13.47 3.00 -1.84
N VAL B 118 -13.90 4.07 -2.47
CA VAL B 118 -13.39 5.39 -2.17
C VAL B 118 -14.60 6.33 -2.14
N GLY B 119 -14.67 7.13 -1.09
CA GLY B 119 -15.73 8.04 -0.89
C GLY B 119 -15.59 9.26 -1.76
N LYS B 120 -16.67 10.01 -1.85
CA LYS B 120 -16.61 11.32 -2.46
C LYS B 120 -15.66 12.27 -1.73
N ASP B 121 -15.41 11.98 -0.46
CA ASP B 121 -14.47 12.73 0.37
C ASP B 121 -13.02 12.26 0.24
N GLY B 122 -12.78 11.33 -0.66
CA GLY B 122 -11.45 10.87 -0.96
C GLY B 122 -10.97 9.76 -0.04
N ARG B 123 -11.77 9.36 0.94
CA ARG B 123 -11.29 8.38 1.93
C ARG B 123 -11.51 6.97 1.41
N ALA B 124 -10.46 6.15 1.43
CA ALA B 124 -10.53 4.78 0.92
C ALA B 124 -10.99 3.81 2.01
N VAL B 125 -11.53 2.69 1.58
CA VAL B 125 -11.84 1.57 2.46
C VAL B 125 -11.54 0.25 1.75
N THR B 126 -10.95 -0.69 2.45
CA THR B 126 -10.93 -2.08 1.96
C THR B 126 -11.28 -3.03 3.08
N VAL B 127 -12.34 -3.80 2.82
CA VAL B 127 -12.71 -4.92 3.66
C VAL B 127 -12.20 -6.23 3.07
N ASN B 128 -11.37 -6.96 3.83
CA ASN B 128 -11.04 -8.35 3.56
C ASN B 128 -11.83 -9.19 4.56
N GLY B 129 -12.86 -9.84 4.07
CA GLY B 129 -13.75 -10.60 4.94
C GLY B 129 -14.57 -11.62 4.20
N ARG B 130 -15.73 -11.94 4.79
CA ARG B 130 -16.62 -13.00 4.29
C ARG B 130 -18.07 -12.52 4.26
N TYR B 131 -18.77 -13.01 3.24
CA TYR B 131 -20.19 -12.86 3.06
C TYR B 131 -20.82 -14.20 3.41
N PHE B 132 -21.94 -14.14 4.14
CA PHE B 132 -22.75 -15.29 4.45
C PHE B 132 -24.18 -15.01 4.00
N PHE B 133 -24.61 -15.73 2.96
CA PHE B 133 -25.93 -15.57 2.38
C PHE B 133 -26.80 -16.74 2.80
N GLU B 134 -28.03 -16.46 3.20
CA GLU B 134 -29.07 -17.46 3.29
C GLU B 134 -30.07 -17.13 2.20
N VAL B 135 -30.48 -18.16 1.47
CA VAL B 135 -31.32 -17.96 0.30
C VAL B 135 -32.50 -18.92 0.27
N ARG B 136 -33.54 -18.48 -0.42
CA ARG B 136 -34.77 -19.20 -0.55
C ARG B 136 -35.11 -19.27 -2.02
N ARG B 137 -35.63 -20.40 -2.44
CA ARG B 137 -36.04 -20.62 -3.81
C ARG B 137 -37.38 -19.93 -3.96
N THR B 138 -37.52 -19.00 -4.89
CA THR B 138 -38.80 -18.28 -5.11
C THR B 138 -39.25 -18.46 -6.56
N GLU B 139 -40.47 -18.00 -6.88
CA GLU B 139 -40.99 -18.04 -8.26
C GLU B 139 -40.15 -17.17 -9.23
N LYS B 140 -39.40 -16.20 -8.71
CA LYS B 140 -38.45 -15.43 -9.52
C LYS B 140 -37.00 -15.89 -9.26
N GLY B 141 -36.78 -17.12 -8.80
CA GLY B 141 -35.40 -17.62 -8.57
C GLY B 141 -34.97 -17.58 -7.13
N TRP B 142 -33.73 -18.01 -6.88
CA TRP B 142 -33.17 -17.89 -5.55
C TRP B 142 -33.01 -16.41 -5.16
N LYS B 143 -33.43 -16.09 -3.94
CA LYS B 143 -33.32 -14.75 -3.40
C LYS B 143 -32.75 -14.84 -2.00
N ALA B 144 -32.10 -13.78 -1.56
CA ALA B 144 -31.45 -13.74 -0.24
C ALA B 144 -32.48 -13.38 0.86
N THR B 145 -32.53 -14.23 1.91
CA THR B 145 -33.38 -13.96 3.07
C THR B 145 -32.59 -13.37 4.26
N ARG B 146 -31.29 -13.60 4.25
CA ARG B 146 -30.40 -13.13 5.28
C ARG B 146 -28.99 -12.98 4.74
N TYR B 147 -28.34 -11.88 5.12
CA TYR B 147 -26.98 -11.59 4.71
C TYR B 147 -26.24 -11.02 5.90
N THR B 148 -25.14 -11.68 6.24
CA THR B 148 -24.28 -11.25 7.33
C THR B 148 -22.83 -11.33 6.83
N MSE B 149 -21.90 -10.76 7.62
CA MSE B 149 -20.50 -10.65 7.24
C MSE B 149 -19.62 -10.75 8.45
O MSE B 149 -20.06 -10.66 9.62
CB MSE B 149 -20.21 -9.30 6.57
CG MSE B 149 -20.81 -9.11 5.22
SE MSE B 149 -20.13 -7.43 4.51
CE MSE B 149 -18.23 -7.93 4.39
N ASP B 150 -18.33 -11.01 8.18
CA ASP B 150 -17.30 -10.79 9.17
C ASP B 150 -15.96 -10.46 8.54
N PHE B 151 -14.94 -10.25 9.38
CA PHE B 151 -13.60 -9.87 8.89
C PHE B 151 -12.70 -11.09 8.88
N LEU B 152 -11.79 -11.12 7.92
CA LEU B 152 -10.64 -12.00 7.91
C LEU B 152 -9.36 -11.24 8.30
N MSE B 153 -9.30 -9.95 7.93
CA MSE B 153 -8.18 -9.05 8.29
C MSE B 153 -8.74 -7.81 8.95
O MSE B 153 -9.90 -7.45 8.75
CB MSE B 153 -7.37 -8.66 7.01
CG MSE B 153 -6.69 -9.85 6.25
SE MSE B 153 -5.27 -10.70 7.22
CE MSE B 153 -3.98 -9.34 6.89
N PRO B 154 -7.93 -7.11 9.73
CA PRO B 154 -8.38 -5.83 10.27
C PRO B 154 -8.80 -4.86 9.20
N LEU B 155 -9.88 -4.15 9.45
CA LEU B 155 -10.37 -3.19 8.49
C LEU B 155 -9.24 -2.26 8.01
N SER B 156 -9.19 -2.02 6.69
N SER B 156 -9.24 -1.98 6.69
CA SER B 156 -8.32 -0.99 6.13
CA SER B 156 -8.34 -1.02 6.10
C SER B 156 -9.21 0.18 5.79
C SER B 156 -9.18 0.18 5.74
N GLY B 157 -8.82 1.36 6.25
CA GLY B 157 -9.57 2.56 6.02
C GLY B 157 -10.75 2.71 6.93
N THR B 158 -11.84 3.21 6.37
CA THR B 158 -12.96 3.61 7.19
C THR B 158 -14.31 3.16 6.63
N LEU B 159 -15.23 2.79 7.53
CA LEU B 159 -16.62 2.51 7.16
C LEU B 159 -17.55 3.67 7.46
N ASP B 160 -16.98 4.87 7.71
CA ASP B 160 -17.81 6.05 8.01
C ASP B 160 -18.80 6.43 6.91
N ASN B 161 -18.40 6.21 5.65
CA ASN B 161 -19.25 6.57 4.51
C ASN B 161 -20.44 5.60 4.31
N ALA B 162 -20.45 4.51 5.08
CA ALA B 162 -21.57 3.53 5.13
C ALA B 162 -22.42 3.71 6.39
N LYS B 163 -22.00 4.63 7.26
CA LYS B 163 -22.74 5.00 8.46
C LYS B 163 -23.47 6.32 8.23
N MSE C 20 -32.48 -17.57 -24.34
CA MSE C 20 -31.58 -18.77 -24.44
C MSE C 20 -30.60 -18.87 -23.28
O MSE C 20 -29.77 -17.97 -23.08
CB MSE C 20 -30.76 -18.72 -25.73
CG MSE C 20 -31.47 -19.16 -26.98
SE MSE C 20 -30.24 -20.08 -28.23
CE MSE C 20 -30.17 -21.85 -27.35
N GLN C 21 -30.68 -19.96 -22.52
CA GLN C 21 -29.78 -20.15 -21.38
C GLN C 21 -28.52 -20.86 -21.83
N CYS C 22 -27.37 -20.36 -21.42
CA CYS C 22 -26.06 -20.92 -21.75
C CYS C 22 -25.84 -22.23 -20.98
N PRO C 23 -25.60 -23.34 -21.69
CA PRO C 23 -25.31 -24.59 -20.99
C PRO C 23 -24.14 -24.45 -20.01
N ILE C 24 -24.15 -25.22 -18.93
CA ILE C 24 -23.11 -25.16 -17.90
C ILE C 24 -21.76 -25.49 -18.53
N GLU C 25 -21.76 -26.44 -19.46
CA GLU C 25 -20.53 -26.87 -20.13
C GLU C 25 -19.90 -25.68 -20.90
N ASP C 26 -20.73 -24.87 -21.54
CA ASP C 26 -20.24 -23.72 -22.29
C ASP C 26 -19.83 -22.56 -21.40
N ARG C 27 -20.58 -22.34 -20.35
CA ARG C 27 -20.22 -21.35 -19.38
C ARG C 27 -18.82 -21.62 -18.84
N LEU C 28 -18.57 -22.86 -18.44
CA LEU C 28 -17.27 -23.22 -17.90
C LEU C 28 -16.18 -23.14 -18.97
N ALA C 29 -16.48 -23.51 -20.20
CA ALA C 29 -15.51 -23.41 -21.29
C ALA C 29 -15.13 -21.95 -21.57
N ILE C 30 -16.09 -21.02 -21.46
CA ILE C 30 -15.83 -19.61 -21.73
C ILE C 30 -15.01 -18.96 -20.59
N GLN C 31 -15.34 -19.33 -19.35
N GLN C 31 -15.33 -19.35 -19.36
CA GLN C 31 -14.52 -18.98 -18.20
CA GLN C 31 -14.54 -18.99 -18.19
C GLN C 31 -13.10 -19.49 -18.34
C GLN C 31 -13.11 -19.52 -18.27
N ASP C 32 -12.97 -20.75 -18.74
CA ASP C 32 -11.66 -21.35 -18.97
C ASP C 32 -10.85 -20.60 -20.01
N LEU C 33 -11.49 -20.13 -21.05
CA LEU C 33 -10.83 -19.34 -22.07
C LEU C 33 -10.28 -18.06 -21.45
N MSE C 34 -11.13 -17.37 -20.72
CA MSE C 34 -10.69 -16.13 -20.07
C MSE C 34 -9.53 -16.36 -19.08
O MSE C 34 -8.61 -15.56 -19.00
CB MSE C 34 -11.88 -15.45 -19.38
CG MSE C 34 -12.95 -15.00 -20.37
SE MSE C 34 -14.45 -14.14 -19.45
CE MSE C 34 -13.64 -12.44 -19.10
N ILE C 35 -9.59 -17.46 -18.34
CA ILE C 35 -8.49 -17.86 -17.42
C ILE C 35 -7.19 -18.26 -18.17
N ALA C 36 -7.36 -18.84 -19.36
CA ALA C 36 -6.26 -19.18 -20.27
C ALA C 36 -5.60 -17.93 -20.79
N TYR C 37 -6.40 -16.90 -21.09
CA TYR C 37 -5.87 -15.65 -21.49
C TYR C 37 -5.01 -15.08 -20.38
N ALA C 38 -5.55 -15.07 -19.15
CA ALA C 38 -4.83 -14.52 -18.03
C ALA C 38 -3.53 -15.28 -17.83
N HIS C 39 -3.57 -16.61 -17.90
CA HIS C 39 -2.36 -17.41 -17.84
C HIS C 39 -1.30 -17.02 -18.91
N ALA C 40 -1.74 -16.77 -20.14
CA ALA C 40 -0.85 -16.44 -21.26
C ALA C 40 -0.18 -15.10 -20.99
N VAL C 41 -0.95 -14.12 -20.54
CA VAL C 41 -0.47 -12.79 -20.22
C VAL C 41 0.53 -12.90 -19.10
N ASP C 42 0.23 -13.76 -18.12
CA ASP C 42 1.05 -13.89 -16.95
C ASP C 42 2.34 -14.65 -17.16
N THR C 43 2.51 -15.26 -18.32
CA THR C 43 3.80 -15.83 -18.67
C THR C 43 4.83 -14.69 -18.87
N VAL C 44 4.34 -13.52 -19.25
CA VAL C 44 5.17 -12.39 -19.64
C VAL C 44 6.08 -12.75 -20.82
N SER C 45 5.68 -13.73 -21.63
CA SER C 45 6.48 -14.11 -22.78
C SER C 45 5.72 -14.82 -23.90
N ASP C 46 4.70 -15.62 -23.58
CA ASP C 46 4.13 -16.54 -24.59
C ASP C 46 3.06 -15.91 -25.46
N ILE C 47 3.51 -15.25 -26.53
CA ILE C 47 2.60 -14.52 -27.44
C ILE C 47 1.70 -15.49 -28.22
N ASP C 48 2.24 -16.63 -28.59
CA ASP C 48 1.42 -17.63 -29.28
C ASP C 48 0.21 -18.09 -28.41
N ALA C 49 0.44 -18.26 -27.12
CA ALA C 49 -0.62 -18.66 -26.21
C ALA C 49 -1.68 -17.60 -26.07
N VAL C 50 -1.24 -16.33 -26.06
CA VAL C 50 -2.15 -15.19 -26.04
C VAL C 50 -3.00 -15.23 -27.30
N LEU C 51 -2.33 -15.35 -28.43
CA LEU C 51 -3.01 -15.27 -29.73
C LEU C 51 -4.02 -16.41 -29.90
N ASP C 52 -3.76 -17.57 -29.32
CA ASP C 52 -4.67 -18.72 -29.40
C ASP C 52 -6.09 -18.53 -28.79
N VAL C 53 -6.24 -17.53 -27.93
CA VAL C 53 -7.52 -17.12 -27.31
C VAL C 53 -8.44 -16.47 -28.33
N PHE C 54 -7.83 -15.87 -29.34
CA PHE C 54 -8.51 -14.91 -30.18
C PHE C 54 -8.77 -15.41 -31.59
N THR C 55 -9.90 -15.01 -32.17
CA THR C 55 -10.13 -15.25 -33.59
C THR C 55 -9.17 -14.38 -34.39
N GLU C 56 -8.99 -14.73 -35.66
CA GLU C 56 -7.98 -14.10 -36.48
C GLU C 56 -8.24 -12.61 -36.68
N ASP C 57 -9.52 -12.25 -36.67
CA ASP C 57 -10.01 -10.89 -36.85
C ASP C 57 -10.50 -10.26 -35.53
N ALA C 58 -10.05 -10.78 -34.39
CA ALA C 58 -10.59 -10.32 -33.11
C ALA C 58 -10.30 -8.85 -32.85
N VAL C 59 -11.27 -8.16 -32.27
CA VAL C 59 -11.06 -6.80 -31.75
C VAL C 59 -10.51 -6.84 -30.34
N PHE C 60 -9.31 -6.28 -30.17
CA PHE C 60 -8.59 -6.27 -28.90
C PHE C 60 -8.53 -4.78 -28.52
N ASP C 61 -9.58 -4.32 -27.83
CA ASP C 61 -9.82 -2.90 -27.65
C ASP C 61 -9.78 -2.53 -26.16
N LEU C 62 -8.61 -2.07 -25.70
CA LEU C 62 -8.43 -1.67 -24.30
C LEU C 62 -8.50 -0.14 -24.15
N SER C 63 -9.20 0.51 -25.08
CA SER C 63 -9.42 1.95 -24.97
C SER C 63 -10.18 2.37 -23.71
N GLY C 64 -10.95 1.45 -23.13
CA GLY C 64 -11.68 1.72 -21.90
C GLY C 64 -10.76 1.89 -20.69
N ILE C 65 -9.52 1.43 -20.78
CA ILE C 65 -8.55 1.72 -19.73
C ILE C 65 -7.40 2.61 -20.25
N GLY C 66 -7.60 3.22 -21.39
CA GLY C 66 -6.70 4.20 -21.96
C GLY C 66 -5.62 3.70 -22.91
N LEU C 67 -5.75 2.48 -23.42
CA LEU C 67 -4.70 1.92 -24.28
C LEU C 67 -5.17 1.98 -25.73
N THR C 68 -4.23 1.83 -26.65
CA THR C 68 -4.55 1.86 -28.06
C THR C 68 -5.16 0.53 -28.53
N PRO C 69 -6.33 0.59 -29.18
CA PRO C 69 -6.95 -0.65 -29.66
C PRO C 69 -6.19 -1.28 -30.84
N GLN C 70 -6.37 -2.59 -31.00
CA GLN C 70 -5.84 -3.36 -32.11
C GLN C 70 -6.92 -4.26 -32.67
N VAL C 71 -6.81 -4.60 -33.94
CA VAL C 71 -7.67 -5.59 -34.58
C VAL C 71 -6.82 -6.65 -35.30
N GLY C 72 -7.06 -7.90 -34.96
CA GLY C 72 -6.39 -9.00 -35.63
C GLY C 72 -5.15 -9.46 -34.92
N HIS C 73 -4.69 -10.66 -35.24
CA HIS C 73 -3.54 -11.26 -34.59
C HIS C 73 -2.28 -10.41 -34.73
N ALA C 74 -2.05 -9.80 -35.90
CA ALA C 74 -0.83 -8.98 -36.11
C ALA C 74 -0.77 -7.82 -35.09
N GLY C 75 -1.91 -7.18 -34.88
CA GLY C 75 -2.05 -6.09 -33.93
C GLY C 75 -1.87 -6.53 -32.52
N ILE C 76 -2.45 -7.67 -32.18
CA ILE C 76 -2.40 -8.18 -30.84
C ILE C 76 -0.95 -8.60 -30.54
N ARG C 77 -0.28 -9.18 -31.53
CA ARG C 77 1.14 -9.54 -31.38
C ARG C 77 2.01 -8.31 -31.09
N GLU C 78 1.75 -7.23 -31.82
CA GLU C 78 2.45 -5.97 -31.61
C GLU C 78 2.23 -5.50 -30.18
N PHE C 79 0.98 -5.49 -29.75
CA PHE C 79 0.63 -4.99 -28.44
C PHE C 79 1.47 -5.76 -27.40
N PHE C 80 1.53 -7.08 -27.50
CA PHE C 80 2.24 -7.90 -26.49
C PHE C 80 3.76 -7.95 -26.64
N THR C 81 4.26 -7.81 -27.86
CA THR C 81 5.69 -7.69 -28.07
C THR C 81 6.21 -6.53 -27.20
N ASN C 82 5.49 -5.43 -27.18
CA ASN C 82 5.82 -4.27 -26.34
C ASN C 82 5.65 -4.53 -24.85
N VAL C 83 4.48 -5.03 -24.47
CA VAL C 83 4.21 -5.27 -23.07
C VAL C 83 5.25 -6.23 -22.50
N PHE C 84 5.44 -7.38 -23.16
CA PHE C 84 6.36 -8.39 -22.65
C PHE C 84 7.80 -7.87 -22.66
N ALA C 85 8.13 -6.94 -23.55
CA ALA C 85 9.48 -6.33 -23.54
C ALA C 85 9.69 -5.44 -22.31
N ASN C 86 8.61 -4.79 -21.86
CA ASN C 86 8.69 -3.78 -20.83
C ASN C 86 8.40 -4.27 -19.43
N MSE C 87 7.74 -5.42 -19.32
CA MSE C 87 7.27 -5.87 -18.01
C MSE C 87 8.16 -6.93 -17.43
O MSE C 87 8.77 -7.71 -18.15
CB MSE C 87 5.85 -6.39 -18.08
CG MSE C 87 4.81 -5.35 -18.46
SE MSE C 87 4.77 -3.81 -17.23
CE MSE C 87 3.90 -4.66 -15.81
N SER C 88 8.21 -6.98 -16.11
N SER C 88 8.25 -6.95 -16.10
CA SER C 88 8.98 -7.96 -15.40
CA SER C 88 8.99 -7.98 -15.36
C SER C 88 8.09 -9.05 -14.77
C SER C 88 8.05 -9.07 -14.82
N HIS C 89 7.00 -8.65 -14.10
CA HIS C 89 6.04 -9.59 -13.50
C HIS C 89 4.62 -9.13 -13.71
N HIS C 90 3.74 -10.12 -13.84
CA HIS C 90 2.30 -9.92 -14.11
C HIS C 90 1.48 -10.88 -13.26
N ALA C 91 0.30 -10.42 -12.84
CA ALA C 91 -0.74 -11.29 -12.22
C ALA C 91 -2.11 -10.74 -12.56
N HIS C 92 -2.95 -11.57 -13.19
CA HIS C 92 -4.30 -11.15 -13.57
C HIS C 92 -5.31 -12.10 -12.96
N TYR C 93 -5.79 -11.68 -11.79
CA TYR C 93 -6.81 -12.40 -11.06
C TYR C 93 -8.14 -12.12 -11.68
N LEU C 94 -8.89 -13.17 -11.98
CA LEU C 94 -10.20 -12.98 -12.57
C LEU C 94 -11.27 -13.60 -11.67
N THR C 95 -12.34 -12.84 -11.45
CA THR C 95 -13.39 -13.23 -10.52
C THR C 95 -14.75 -12.74 -11.00
N ASN C 96 -15.79 -13.09 -10.24
CA ASN C 96 -17.14 -12.56 -10.48
C ASN C 96 -17.59 -12.78 -11.93
N PHE C 97 -17.33 -13.97 -12.46
CA PHE C 97 -17.75 -14.28 -13.83
C PHE C 97 -19.25 -14.26 -13.96
N ALA C 98 -19.76 -13.65 -15.04
CA ALA C 98 -21.19 -13.63 -15.31
C ALA C 98 -21.42 -13.74 -16.82
N VAL C 99 -22.27 -14.67 -17.23
CA VAL C 99 -22.72 -14.75 -18.60
C VAL C 99 -23.64 -13.57 -18.83
N THR C 100 -23.33 -12.74 -19.82
CA THR C 100 -24.17 -11.58 -20.12
C THR C 100 -24.93 -11.71 -21.44
N GLY C 101 -24.61 -12.74 -22.21
CA GLY C 101 -25.30 -13.00 -23.44
C GLY C 101 -25.02 -14.39 -23.93
N TYR C 102 -26.01 -15.00 -24.57
CA TYR C 102 -25.87 -16.32 -25.20
C TYR C 102 -26.86 -16.47 -26.34
N GLU C 103 -26.33 -16.72 -27.53
CA GLU C 103 -27.11 -16.85 -28.73
C GLU C 103 -26.88 -18.20 -29.40
N GLY C 104 -26.22 -19.13 -28.72
CA GLY C 104 -25.98 -20.48 -29.28
C GLY C 104 -24.57 -20.66 -29.77
N ASP C 105 -24.22 -19.98 -30.86
CA ASP C 105 -22.87 -20.04 -31.39
C ASP C 105 -22.04 -18.82 -31.04
N THR C 106 -22.65 -17.90 -30.29
CA THR C 106 -21.97 -16.76 -29.74
C THR C 106 -22.45 -16.52 -28.30
N ALA C 107 -21.60 -15.87 -27.52
CA ALA C 107 -21.88 -15.59 -26.12
C ALA C 107 -21.06 -14.39 -25.67
N SER C 108 -21.44 -13.84 -24.53
CA SER C 108 -20.74 -12.71 -23.88
C SER C 108 -20.54 -13.05 -22.42
N MSE C 109 -19.37 -12.73 -21.89
CA MSE C 109 -19.08 -12.95 -20.47
C MSE C 109 -18.35 -11.74 -19.88
O MSE C 109 -17.47 -11.15 -20.54
CB MSE C 109 -18.28 -14.23 -20.24
CG MSE C 109 -18.11 -14.52 -18.80
SE MSE C 109 -17.31 -16.24 -18.47
CE MSE C 109 -18.84 -17.26 -19.07
N ARG C 110 -18.69 -11.42 -18.63
CA ARG C 110 -18.03 -10.38 -17.85
C ARG C 110 -17.23 -11.02 -16.74
N ALA C 111 -16.09 -10.42 -16.40
CA ALA C 111 -15.33 -10.81 -15.18
C ALA C 111 -14.77 -9.53 -14.56
N TYR C 112 -14.52 -9.58 -13.26
CA TYR C 112 -13.72 -8.56 -12.60
C TYR C 112 -12.26 -8.97 -12.73
N VAL C 113 -11.36 -7.99 -12.85
CA VAL C 113 -9.91 -8.30 -12.80
C VAL C 113 -9.23 -7.52 -11.69
N ILE C 114 -8.27 -8.17 -11.02
CA ILE C 114 -7.18 -7.46 -10.35
C ILE C 114 -5.97 -7.72 -11.22
N GLY C 115 -5.55 -6.69 -11.95
CA GLY C 115 -4.46 -6.79 -12.92
C GLY C 115 -3.23 -6.11 -12.41
N MSE C 116 -2.28 -6.89 -11.96
CA MSE C 116 -1.05 -6.36 -11.34
C MSE C 116 0.14 -6.54 -12.26
O MSE C 116 0.25 -7.55 -12.96
CB MSE C 116 -0.73 -7.11 -10.06
CG MSE C 116 -1.88 -7.29 -9.15
SE MSE C 116 -1.25 -8.32 -7.65
CE MSE C 116 -2.96 -8.41 -6.80
CE MSE C 116 -0.07 -6.94 -6.85
N GLY C 117 1.04 -5.57 -12.21
CA GLY C 117 2.28 -5.63 -12.94
C GLY C 117 3.38 -4.86 -12.23
N VAL C 118 4.62 -5.24 -12.50
CA VAL C 118 5.79 -4.42 -12.20
C VAL C 118 6.65 -4.42 -13.48
N GLY C 119 7.01 -3.22 -13.91
CA GLY C 119 7.87 -3.04 -15.09
C GLY C 119 9.28 -3.44 -14.82
N LYS C 120 10.04 -3.67 -15.90
CA LYS C 120 11.46 -3.77 -15.82
C LYS C 120 12.07 -2.49 -15.24
N ASP C 121 11.39 -1.37 -15.40
CA ASP C 121 11.80 -0.09 -14.83
C ASP C 121 11.41 0.08 -13.34
N GLY C 122 10.83 -0.96 -12.78
CA GLY C 122 10.41 -0.97 -11.40
C GLY C 122 9.10 -0.31 -11.04
N ARG C 123 8.39 0.24 -12.02
N ARG C 123 8.38 0.20 -12.02
CA ARG C 123 7.13 0.91 -11.75
CA ARG C 123 7.13 0.91 -11.75
C ARG C 123 5.99 -0.12 -11.68
C ARG C 123 5.95 -0.07 -11.73
N ALA C 124 5.17 0.02 -10.65
CA ALA C 124 4.04 -0.87 -10.37
C ALA C 124 2.75 -0.36 -11.02
N VAL C 125 1.82 -1.26 -11.36
CA VAL C 125 0.48 -0.91 -11.79
C VAL C 125 -0.49 -1.94 -11.22
N THR C 126 -1.66 -1.48 -10.79
CA THR C 126 -2.80 -2.33 -10.46
C THR C 126 -4.02 -1.71 -11.10
N VAL C 127 -4.71 -2.52 -11.89
CA VAL C 127 -6.00 -2.19 -12.51
C VAL C 127 -7.02 -2.98 -11.71
N ASN C 128 -7.96 -2.27 -11.10
CA ASN C 128 -9.17 -2.86 -10.56
C ASN C 128 -10.25 -2.53 -11.53
N GLY C 129 -10.65 -3.51 -12.33
CA GLY C 129 -11.59 -3.23 -13.40
C GLY C 129 -12.35 -4.45 -13.84
N ARG C 130 -12.87 -4.37 -15.05
CA ARG C 130 -13.66 -5.44 -15.63
C ARG C 130 -13.19 -5.83 -17.01
N TYR C 131 -13.23 -7.14 -17.29
CA TYR C 131 -13.11 -7.68 -18.66
C TYR C 131 -14.50 -7.95 -19.23
N PHE C 132 -14.69 -7.61 -20.51
CA PHE C 132 -15.84 -7.99 -21.29
C PHE C 132 -15.40 -8.77 -22.53
N PHE C 133 -15.69 -10.06 -22.56
CA PHE C 133 -15.36 -10.95 -23.69
C PHE C 133 -16.61 -11.24 -24.49
N GLU C 134 -16.48 -11.17 -25.81
CA GLU C 134 -17.45 -11.71 -26.75
C GLU C 134 -16.77 -12.88 -27.42
N VAL C 135 -17.50 -13.98 -27.54
CA VAL C 135 -16.93 -15.24 -27.99
C VAL C 135 -17.80 -15.90 -29.05
N ARG C 136 -17.12 -16.70 -29.87
CA ARG C 136 -17.71 -17.51 -30.90
C ARG C 136 -17.31 -18.97 -30.73
N ARG C 137 -18.24 -19.85 -31.02
CA ARG C 137 -17.99 -21.27 -31.05
C ARG C 137 -17.27 -21.61 -32.35
N THR C 138 -16.07 -22.13 -32.26
CA THR C 138 -15.29 -22.49 -33.44
C THR C 138 -14.97 -23.99 -33.43
N GLU C 139 -14.48 -24.50 -34.55
CA GLU C 139 -14.00 -25.88 -34.65
C GLU C 139 -12.96 -26.21 -33.60
N LYS C 140 -12.23 -25.22 -33.11
CA LYS C 140 -11.25 -25.43 -32.04
C LYS C 140 -11.72 -24.95 -30.65
N GLY C 141 -13.03 -24.85 -30.44
CA GLY C 141 -13.58 -24.38 -29.17
C GLY C 141 -13.99 -22.92 -29.20
N TRP C 142 -14.48 -22.45 -28.07
CA TRP C 142 -14.83 -21.06 -27.90
C TRP C 142 -13.59 -20.18 -28.07
N LYS C 143 -13.71 -19.12 -28.85
CA LYS C 143 -12.63 -18.14 -29.01
C LYS C 143 -13.19 -16.73 -28.93
N ALA C 144 -12.36 -15.79 -28.49
CA ALA C 144 -12.79 -14.41 -28.33
C ALA C 144 -12.77 -13.65 -29.63
N THR C 145 -13.89 -13.00 -29.94
CA THR C 145 -13.99 -12.15 -31.08
C THR C 145 -13.86 -10.65 -30.74
N ARG C 146 -14.09 -10.32 -29.48
CA ARG C 146 -13.93 -8.97 -28.97
C ARG C 146 -13.63 -8.99 -27.48
N TYR C 147 -12.76 -8.06 -27.08
CA TYR C 147 -12.34 -7.90 -25.71
C TYR C 147 -12.22 -6.41 -25.46
N THR C 148 -12.96 -5.96 -24.45
CA THR C 148 -12.95 -4.58 -23.96
C THR C 148 -12.84 -4.62 -22.42
N MSE C 149 -12.52 -3.47 -21.83
CA MSE C 149 -12.34 -3.30 -20.37
C MSE C 149 -12.86 -1.92 -19.91
O MSE C 149 -13.08 -1.00 -20.71
CB MSE C 149 -10.87 -3.42 -19.99
CG MSE C 149 -10.31 -4.76 -20.11
SE MSE C 149 -8.48 -4.70 -19.47
CE MSE C 149 -8.83 -4.36 -17.59
N ASP C 150 -13.13 -1.83 -18.62
CA ASP C 150 -13.25 -0.53 -17.99
C ASP C 150 -12.76 -0.60 -16.56
N PHE C 151 -12.81 0.52 -15.86
CA PHE C 151 -12.32 0.56 -14.48
C PHE C 151 -13.45 0.45 -13.49
N LEU C 152 -13.18 -0.15 -12.35
CA LEU C 152 -14.08 -0.07 -11.18
C LEU C 152 -13.53 0.92 -10.16
N MSE C 153 -12.19 0.99 -10.08
CA MSE C 153 -11.48 1.97 -9.23
C MSE C 153 -10.52 2.79 -10.12
O MSE C 153 -10.13 2.35 -11.21
CB MSE C 153 -10.67 1.25 -8.16
CG MSE C 153 -11.51 0.42 -7.20
SE MSE C 153 -12.65 1.41 -5.97
CE MSE C 153 -11.29 2.10 -4.79
N PRO C 154 -10.14 3.98 -9.66
CA PRO C 154 -9.13 4.73 -10.39
C PRO C 154 -7.80 3.97 -10.50
N LEU C 155 -7.18 4.02 -11.66
CA LEU C 155 -5.92 3.34 -11.90
C LEU C 155 -4.90 3.65 -10.83
N SER C 156 -4.28 2.59 -10.30
N SER C 156 -4.28 2.59 -10.30
CA SER C 156 -3.13 2.73 -9.42
CA SER C 156 -3.12 2.71 -9.42
C SER C 156 -1.87 2.48 -10.25
C SER C 156 -1.86 2.48 -10.25
N GLY C 157 -0.94 3.43 -10.24
CA GLY C 157 0.27 3.24 -10.98
C GLY C 157 0.11 3.73 -12.38
N THR C 158 0.87 3.13 -13.29
CA THR C 158 0.95 3.62 -14.64
C THR C 158 0.73 2.50 -15.67
N LEU C 159 0.15 2.87 -16.80
CA LEU C 159 -0.02 1.96 -17.93
C LEU C 159 0.99 2.31 -19.04
N ASP C 160 1.99 3.15 -18.71
CA ASP C 160 2.99 3.53 -19.71
C ASP C 160 3.75 2.34 -20.28
N ASN C 161 3.92 1.28 -19.49
CA ASN C 161 4.65 0.11 -19.99
C ASN C 161 3.81 -0.75 -20.94
N ALA C 162 2.51 -0.42 -21.08
CA ALA C 162 1.59 -1.07 -22.05
C ALA C 162 1.27 -0.15 -23.25
N LYS C 163 1.83 1.06 -23.21
CA LYS C 163 1.78 2.00 -24.34
C LYS C 163 3.17 2.02 -25.00
N MSE D 20 34.01 28.63 0.50
CA MSE D 20 33.60 29.42 1.71
C MSE D 20 32.33 28.87 2.37
O MSE D 20 31.49 28.26 1.71
CB MSE D 20 33.41 30.90 1.37
CG MSE D 20 32.36 31.16 0.28
SE MSE D 20 32.38 33.03 -0.39
CE MSE D 20 32.19 34.04 1.32
N GLN D 21 32.21 29.12 3.67
CA GLN D 21 31.17 28.49 4.49
C GLN D 21 29.86 29.29 4.46
N CYS D 22 28.75 28.59 4.25
CA CYS D 22 27.42 29.19 4.22
C CYS D 22 27.04 29.60 5.64
N PRO D 23 26.72 30.88 5.85
CA PRO D 23 26.26 31.25 7.17
C PRO D 23 24.98 30.54 7.58
N ILE D 24 24.85 30.25 8.87
CA ILE D 24 23.67 29.51 9.35
C ILE D 24 22.39 30.25 8.97
N GLU D 25 22.39 31.58 9.04
CA GLU D 25 21.19 32.34 8.71
C GLU D 25 20.79 32.11 7.26
N ASP D 26 21.79 32.00 6.38
CA ASP D 26 21.49 31.76 4.95
C ASP D 26 21.07 30.33 4.65
N ARG D 27 21.68 29.39 5.34
CA ARG D 27 21.25 28.01 5.29
C ARG D 27 19.78 27.92 5.65
N LEU D 28 19.39 28.54 6.76
CA LEU D 28 18.00 28.47 7.17
C LEU D 28 17.08 29.20 6.19
N ALA D 29 17.51 30.34 5.70
CA ALA D 29 16.71 31.13 4.77
C ALA D 29 16.46 30.38 3.45
N ILE D 30 17.48 29.66 2.96
CA ILE D 30 17.36 28.91 1.74
C ILE D 30 16.43 27.68 1.96
N GLN D 31 16.61 26.99 3.08
N GLN D 31 16.57 26.98 3.09
CA GLN D 31 15.69 25.93 3.52
CA GLN D 31 15.60 25.94 3.45
C GLN D 31 14.25 26.45 3.60
C GLN D 31 14.21 26.49 3.52
N ASP D 32 14.08 27.63 4.18
CA ASP D 32 12.76 28.26 4.30
C ASP D 32 12.17 28.55 2.93
N LEU D 33 13.01 28.91 1.96
CA LEU D 33 12.49 29.22 0.62
C LEU D 33 11.91 27.95 0.01
N MSE D 34 12.61 26.84 0.23
CA MSE D 34 12.19 25.56 -0.32
C MSE D 34 10.91 25.07 0.37
O MSE D 34 10.05 24.53 -0.29
CB MSE D 34 13.32 24.55 -0.18
CG MSE D 34 14.54 24.91 -1.01
SE MSE D 34 15.94 23.57 -0.97
CE MSE D 34 15.02 22.24 -2.05
N ILE D 35 10.80 25.29 1.67
CA ILE D 35 9.58 24.95 2.41
C ILE D 35 8.43 25.83 1.93
N ALA D 36 8.72 27.10 1.64
CA ALA D 36 7.71 28.01 1.14
C ALA D 36 7.21 27.57 -0.23
N TYR D 37 8.12 27.09 -1.09
CA TYR D 37 7.74 26.51 -2.39
C TYR D 37 6.76 25.34 -2.16
N ALA D 38 7.10 24.45 -1.24
CA ALA D 38 6.20 23.33 -0.97
C ALA D 38 4.84 23.78 -0.47
N HIS D 39 4.80 24.81 0.40
CA HIS D 39 3.55 25.37 0.85
C HIS D 39 2.67 25.89 -0.29
N ALA D 40 3.30 26.60 -1.24
CA ALA D 40 2.60 27.20 -2.35
C ALA D 40 2.03 26.09 -3.24
N VAL D 41 2.84 25.10 -3.56
CA VAL D 41 2.40 23.92 -4.34
C VAL D 41 1.20 23.25 -3.63
N ASP D 42 1.32 23.12 -2.32
CA ASP D 42 0.29 22.46 -1.50
C ASP D 42 -1.00 23.16 -1.27
N THR D 43 -1.09 24.42 -1.67
CA THR D 43 -2.34 25.13 -1.68
C THR D 43 -3.21 24.60 -2.80
N VAL D 44 -2.59 24.00 -3.81
CA VAL D 44 -3.24 23.57 -5.06
C VAL D 44 -3.99 24.72 -5.71
N SER D 45 -3.54 25.96 -5.48
CA SER D 45 -4.19 27.10 -6.08
C SER D 45 -3.34 28.38 -6.26
N ASP D 46 -2.41 28.64 -5.35
CA ASP D 46 -1.79 29.95 -5.24
C ASP D 46 -0.56 30.09 -6.14
N ILE D 47 -0.80 30.37 -7.41
CA ILE D 47 0.26 30.50 -8.39
C ILE D 47 1.20 31.67 -8.09
N ASP D 48 0.64 32.79 -7.64
CA ASP D 48 1.46 33.94 -7.23
C ASP D 48 2.48 33.55 -6.17
N ALA D 49 2.07 32.72 -5.23
CA ALA D 49 2.97 32.25 -4.16
C ALA D 49 4.07 31.35 -4.71
N VAL D 50 3.74 30.55 -5.71
CA VAL D 50 4.72 29.67 -6.32
C VAL D 50 5.73 30.57 -7.09
N LEU D 51 5.23 31.52 -7.86
CA LEU D 51 6.09 32.35 -8.69
C LEU D 51 7.05 33.21 -7.87
N ASP D 52 6.62 33.64 -6.68
CA ASP D 52 7.45 34.41 -5.75
C ASP D 52 8.75 33.72 -5.30
N VAL D 53 8.80 32.40 -5.43
CA VAL D 53 9.99 31.64 -5.08
C VAL D 53 11.12 31.85 -6.11
N PHE D 54 10.74 32.20 -7.35
CA PHE D 54 11.66 32.10 -8.50
C PHE D 54 12.00 33.45 -9.07
N THR D 55 13.25 33.58 -9.53
CA THR D 55 13.66 34.75 -10.29
C THR D 55 12.92 34.74 -11.62
N GLU D 56 12.86 35.91 -12.25
CA GLU D 56 12.05 36.07 -13.45
C GLU D 56 12.44 35.15 -14.59
N ASP D 57 13.74 34.90 -14.69
CA ASP D 57 14.31 34.05 -15.72
C ASP D 57 14.71 32.64 -15.24
N ALA D 58 14.07 32.18 -14.17
CA ALA D 58 14.44 30.92 -13.54
C ALA D 58 14.28 29.74 -14.49
N VAL D 59 15.15 28.74 -14.36
CA VAL D 59 14.99 27.49 -15.11
C VAL D 59 14.22 26.48 -14.25
N PHE D 60 13.02 26.09 -14.70
CA PHE D 60 12.15 25.18 -13.97
C PHE D 60 12.16 23.87 -14.74
N ASP D 61 13.10 22.98 -14.42
CA ASP D 61 13.44 21.87 -15.33
C ASP D 61 13.28 20.56 -14.63
N LEU D 62 12.09 19.98 -14.82
CA LEU D 62 11.76 18.73 -14.14
C LEU D 62 11.88 17.54 -15.07
N SER D 63 12.71 17.70 -16.11
CA SER D 63 12.99 16.61 -17.04
C SER D 63 13.56 15.40 -16.33
N GLY D 64 14.18 15.60 -15.18
CA GLY D 64 14.69 14.49 -14.41
C GLY D 64 13.65 13.53 -13.85
N ILE D 65 12.40 13.98 -13.80
CA ILE D 65 11.29 13.10 -13.45
C ILE D 65 10.30 12.99 -14.63
N GLY D 66 10.75 13.37 -15.82
CA GLY D 66 10.02 13.07 -17.02
C GLY D 66 9.11 14.16 -17.52
N LEU D 67 9.24 15.36 -16.97
CA LEU D 67 8.36 16.49 -17.34
C LEU D 67 9.12 17.48 -18.24
N THR D 68 8.39 18.18 -19.12
CA THR D 68 8.97 19.17 -20.00
C THR D 68 9.50 20.40 -19.26
N PRO D 69 10.76 20.78 -19.55
CA PRO D 69 11.33 21.99 -18.95
C PRO D 69 10.55 23.24 -19.27
N GLN D 70 10.64 24.21 -18.37
CA GLN D 70 10.00 25.52 -18.52
C GLN D 70 11.00 26.59 -18.13
N VAL D 71 10.88 27.78 -18.68
CA VAL D 71 11.75 28.89 -18.29
C VAL D 71 10.89 30.09 -18.01
N GLY D 72 11.18 30.77 -16.92
CA GLY D 72 10.57 32.06 -16.66
C GLY D 72 9.24 31.92 -15.96
N HIS D 73 8.71 33.03 -15.47
CA HIS D 73 7.46 32.99 -14.73
C HIS D 73 6.33 32.52 -15.65
N ALA D 74 6.34 32.95 -16.89
CA ALA D 74 5.31 32.54 -17.86
C ALA D 74 5.22 31.03 -18.01
N GLY D 75 6.37 30.36 -17.97
CA GLY D 75 6.43 28.93 -18.15
C GLY D 75 6.03 28.22 -16.88
N ILE D 76 6.45 28.76 -15.74
CA ILE D 76 6.06 28.19 -14.45
C ILE D 76 4.56 28.39 -14.23
N ARG D 77 4.01 29.51 -14.66
CA ARG D 77 2.59 29.78 -14.51
C ARG D 77 1.75 28.79 -15.34
N GLU D 78 2.25 28.47 -16.54
CA GLU D 78 1.61 27.53 -17.46
C GLU D 78 1.56 26.16 -16.81
N PHE D 79 2.70 25.74 -16.28
CA PHE D 79 2.83 24.45 -15.62
C PHE D 79 1.83 24.28 -14.50
N PHE D 80 1.76 25.28 -13.63
CA PHE D 80 0.91 25.17 -12.46
C PHE D 80 -0.56 25.43 -12.70
N THR D 81 -0.90 26.22 -13.75
CA THR D 81 -2.29 26.36 -14.18
C THR D 81 -2.86 24.98 -14.50
N ASN D 82 -2.09 24.20 -15.25
CA ASN D 82 -2.42 22.82 -15.53
C ASN D 82 -2.50 21.90 -14.30
N VAL D 83 -1.44 21.85 -13.51
CA VAL D 83 -1.41 21.01 -12.31
C VAL D 83 -2.59 21.33 -11.36
N PHE D 84 -2.75 22.60 -11.03
CA PHE D 84 -3.83 23.01 -10.14
C PHE D 84 -5.21 22.74 -10.70
N ALA D 85 -5.40 22.85 -12.02
CA ALA D 85 -6.69 22.42 -12.62
C ALA D 85 -7.00 20.92 -12.47
N ASN D 86 -5.98 20.08 -12.32
CA ASN D 86 -6.18 18.66 -12.44
C ASN D 86 -6.08 17.94 -11.10
N MSE D 87 -5.56 18.63 -10.11
CA MSE D 87 -5.21 18.01 -8.84
C MSE D 87 -6.25 18.42 -7.80
O MSE D 87 -6.83 19.50 -7.89
CB MSE D 87 -3.85 18.45 -8.44
CG MSE D 87 -2.71 17.87 -9.32
SE MSE D 87 -2.75 15.92 -9.54
CE MSE D 87 -1.95 15.31 -7.95
N SER D 88 -6.47 17.53 -6.85
N SER D 88 -6.47 17.53 -6.84
CA SER D 88 -7.38 17.74 -5.73
CA SER D 88 -7.39 17.73 -5.72
C SER D 88 -6.57 18.07 -4.47
C SER D 88 -6.66 17.99 -4.40
N HIS D 89 -5.62 17.22 -4.16
CA HIS D 89 -4.83 17.31 -2.93
C HIS D 89 -3.37 17.05 -3.19
N HIS D 90 -2.52 17.75 -2.43
CA HIS D 90 -1.07 17.74 -2.56
C HIS D 90 -0.44 17.75 -1.17
N ALA D 91 0.69 17.05 -1.01
CA ALA D 91 1.57 17.16 0.17
C ALA D 91 3.00 16.96 -0.28
N HIS D 92 3.87 17.93 -0.03
CA HIS D 92 5.26 17.83 -0.42
C HIS D 92 6.15 17.96 0.78
N TYR D 93 6.57 16.82 1.32
CA TYR D 93 7.41 16.84 2.45
C TYR D 93 8.85 16.93 1.96
N LEU D 94 9.61 17.80 2.60
CA LEU D 94 11.00 18.04 2.30
C LEU D 94 11.82 17.77 3.53
N THR D 95 12.89 17.01 3.33
CA THR D 95 13.78 16.53 4.37
C THR D 95 15.21 16.49 3.84
N ASN D 96 16.12 16.14 4.72
CA ASN D 96 17.52 15.86 4.35
C ASN D 96 18.18 17.05 3.65
N PHE D 97 17.87 18.27 4.08
CA PHE D 97 18.44 19.46 3.43
C PHE D 97 19.96 19.43 3.55
N ALA D 98 20.65 19.76 2.47
CA ALA D 98 22.13 19.80 2.46
C ALA D 98 22.55 20.98 1.58
N VAL D 99 23.39 21.85 2.14
CA VAL D 99 24.01 22.91 1.35
C VAL D 99 25.14 22.26 0.57
N THR D 100 25.04 22.30 -0.75
CA THR D 100 26.05 21.63 -1.59
C THR D 100 26.99 22.61 -2.26
N GLY D 101 26.68 23.91 -2.19
CA GLY D 101 27.53 24.93 -2.70
C GLY D 101 27.16 26.25 -2.10
N TYR D 102 28.13 27.15 -2.05
CA TYR D 102 27.97 28.50 -1.51
C TYR D 102 29.06 29.42 -2.00
N GLU D 103 28.65 30.50 -2.64
CA GLU D 103 29.55 31.44 -3.25
C GLU D 103 29.26 32.87 -2.83
N GLY D 104 28.59 33.06 -1.70
CA GLY D 104 28.29 34.39 -1.21
C GLY D 104 26.96 34.91 -1.67
N ASP D 105 26.86 35.24 -2.96
CA ASP D 105 25.59 35.72 -3.51
C ASP D 105 24.80 34.66 -4.26
N THR D 106 25.36 33.46 -4.39
CA THR D 106 24.63 32.33 -4.95
C THR D 106 24.95 31.10 -4.10
N ALA D 107 24.09 30.09 -4.18
CA ALA D 107 24.24 28.86 -3.40
C ALA D 107 23.45 27.74 -4.05
N SER D 108 23.66 26.54 -3.54
CA SER D 108 23.04 25.33 -4.05
C SER D 108 22.61 24.50 -2.85
N MSE D 109 21.39 23.96 -2.90
CA MSE D 109 20.83 23.14 -1.82
C MSE D 109 20.07 21.96 -2.41
O MSE D 109 19.37 22.09 -3.41
CB MSE D 109 19.88 23.95 -0.91
CG MSE D 109 19.52 23.15 0.34
SE MSE D 109 18.50 24.15 1.64
CE MSE D 109 20.03 25.16 2.32
N ARG D 110 20.29 20.80 -1.81
CA ARG D 110 19.62 19.53 -2.14
C ARG D 110 18.63 19.22 -0.99
N ALA D 111 17.48 18.66 -1.34
CA ALA D 111 16.54 18.13 -0.37
C ALA D 111 15.92 16.85 -0.94
N TYR D 112 15.52 15.96 -0.04
CA TYR D 112 14.62 14.85 -0.39
C TYR D 112 13.17 15.29 -0.36
N VAL D 113 12.38 14.76 -1.28
CA VAL D 113 10.93 14.96 -1.31
C VAL D 113 10.14 13.65 -1.22
N ILE D 114 9.03 13.71 -0.45
CA ILE D 114 7.88 12.80 -0.58
C ILE D 114 6.79 13.70 -1.15
N GLY D 115 6.57 13.57 -2.45
CA GLY D 115 5.64 14.44 -3.20
C GLY D 115 4.40 13.63 -3.53
N MSE D 116 3.32 13.93 -2.80
CA MSE D 116 2.10 13.17 -2.83
C MSE D 116 1.04 13.99 -3.50
O MSE D 116 1.00 15.23 -3.34
CB MSE D 116 1.61 12.81 -1.40
CG MSE D 116 2.55 12.02 -0.61
SE MSE D 116 1.70 11.76 1.11
CE MSE D 116 3.07 10.72 1.82
CE MSE D 116 0.36 10.42 0.57
N GLY D 117 0.16 13.31 -4.24
CA GLY D 117 -0.97 13.95 -4.82
C GLY D 117 -2.11 13.00 -5.15
N VAL D 118 -3.32 13.53 -5.18
CA VAL D 118 -4.41 12.80 -5.78
C VAL D 118 -5.10 13.73 -6.75
N GLY D 119 -5.32 13.23 -7.96
CA GLY D 119 -6.09 13.96 -8.98
C GLY D 119 -7.55 14.10 -8.71
N LYS D 120 -8.17 15.00 -9.45
CA LYS D 120 -9.61 15.10 -9.42
C LYS D 120 -10.22 13.85 -10.05
N ASP D 121 -9.43 13.12 -10.85
CA ASP D 121 -9.88 11.83 -11.40
C ASP D 121 -9.63 10.69 -10.43
N GLY D 122 -9.12 10.98 -9.25
CA GLY D 122 -8.95 9.98 -8.20
C GLY D 122 -7.66 9.19 -8.24
N ARG D 123 -6.81 9.46 -9.23
CA ARG D 123 -5.54 8.78 -9.32
C ARG D 123 -4.50 9.39 -8.41
N ALA D 124 -3.83 8.53 -7.63
CA ALA D 124 -2.79 8.92 -6.69
C ALA D 124 -1.41 8.92 -7.37
N VAL D 125 -0.52 9.75 -6.83
CA VAL D 125 0.89 9.78 -7.23
C VAL D 125 1.73 10.02 -6.03
N THR D 126 2.83 9.27 -5.93
CA THR D 126 3.87 9.60 -4.99
C THR D 126 5.23 9.55 -5.68
N VAL D 127 5.92 10.68 -5.59
CA VAL D 127 7.32 10.81 -5.99
C VAL D 127 8.21 10.72 -4.76
N ASN D 128 9.09 9.70 -4.73
CA ASN D 128 10.17 9.63 -3.77
C ASN D 128 11.44 10.03 -4.51
N GLY D 129 11.86 11.26 -4.27
CA GLY D 129 12.96 11.83 -5.04
C GLY D 129 13.71 12.95 -4.35
N ARG D 130 14.28 13.83 -5.18
CA ARG D 130 15.13 14.93 -4.70
C ARG D 130 14.86 16.19 -5.45
N TYR D 131 14.96 17.29 -4.72
CA TYR D 131 14.95 18.65 -5.25
C TYR D 131 16.38 19.16 -5.27
N PHE D 132 16.77 19.84 -6.33
CA PHE D 132 18.03 20.55 -6.40
C PHE D 132 17.71 21.98 -6.75
N PHE D 133 17.97 22.87 -5.80
CA PHE D 133 17.77 24.29 -5.96
C PHE D 133 19.14 24.98 -6.11
N GLU D 134 19.20 25.88 -7.08
CA GLU D 134 20.23 26.91 -7.19
C GLU D 134 19.54 28.20 -6.84
N VAL D 135 20.19 29.00 -6.00
CA VAL D 135 19.58 30.23 -5.51
C VAL D 135 20.53 31.40 -5.59
N ARG D 136 19.96 32.59 -5.59
CA ARG D 136 20.67 33.84 -5.72
C ARG D 136 20.09 34.83 -4.69
N ARG D 137 20.98 35.59 -4.08
CA ARG D 137 20.66 36.58 -3.07
C ARG D 137 20.08 37.78 -3.82
N THR D 138 18.82 38.13 -3.57
CA THR D 138 18.19 39.31 -4.18
C THR D 138 17.82 40.33 -3.11
N GLU D 139 17.40 41.53 -3.53
CA GLU D 139 16.94 42.56 -2.60
C GLU D 139 15.71 42.07 -1.81
N LYS D 140 14.97 41.12 -2.37
CA LYS D 140 13.79 40.55 -1.73
C LYS D 140 14.10 39.18 -1.10
N GLY D 141 15.38 38.92 -0.81
CA GLY D 141 15.79 37.62 -0.20
C GLY D 141 16.32 36.61 -1.19
N TRP D 142 16.64 35.40 -0.73
CA TRP D 142 17.05 34.33 -1.64
C TRP D 142 15.90 33.92 -2.53
N LYS D 143 16.20 33.70 -3.81
CA LYS D 143 15.24 33.27 -4.80
C LYS D 143 15.89 32.19 -5.67
N ALA D 144 15.06 31.31 -6.22
CA ALA D 144 15.54 30.18 -6.99
C ALA D 144 15.75 30.58 -8.43
N THR D 145 16.95 30.29 -8.92
CA THR D 145 17.37 30.54 -10.30
C THR D 145 17.29 29.27 -11.17
N ARG D 146 17.34 28.11 -10.52
CA ARG D 146 17.21 26.83 -11.22
C ARG D 146 16.73 25.76 -10.27
N TYR D 147 15.82 24.94 -10.77
CA TYR D 147 15.19 23.87 -10.02
C TYR D 147 15.14 22.66 -10.92
N THR D 148 15.71 21.56 -10.43
CA THR D 148 15.72 20.26 -11.11
C THR D 148 15.42 19.20 -10.07
N MSE D 149 15.20 17.97 -10.55
CA MSE D 149 14.80 16.85 -9.72
C MSE D 149 15.32 15.53 -10.23
O MSE D 149 15.71 15.40 -11.36
CB MSE D 149 13.27 16.71 -9.65
CG MSE D 149 12.56 17.77 -8.89
SE MSE D 149 10.67 17.44 -8.60
CE MSE D 149 10.77 15.81 -7.55
N ASP D 150 15.35 14.53 -9.36
CA ASP D 150 15.43 13.16 -9.85
C ASP D 150 14.68 12.23 -8.90
N PHE D 151 14.68 10.93 -9.21
CA PHE D 151 13.98 9.94 -8.42
C PHE D 151 14.97 9.20 -7.53
N LEU D 152 14.53 8.85 -6.31
CA LEU D 152 15.25 7.88 -5.45
C LEU D 152 14.59 6.50 -5.52
N MSE D 153 13.31 6.43 -5.81
CA MSE D 153 12.62 5.17 -6.01
C MSE D 153 11.79 5.28 -7.26
O MSE D 153 11.47 6.39 -7.66
CB MSE D 153 11.69 4.85 -4.84
CG MSE D 153 12.30 4.74 -3.49
SE MSE D 153 13.23 3.15 -3.22
CE MSE D 153 11.68 2.00 -3.02
N PRO D 154 11.42 4.14 -7.86
CA PRO D 154 10.51 4.21 -9.00
C PRO D 154 9.23 4.94 -8.70
N LEU D 155 8.79 5.74 -9.66
CA LEU D 155 7.58 6.48 -9.50
C LEU D 155 6.43 5.57 -9.15
N SER D 156 5.60 6.04 -8.21
N SER D 156 5.62 6.03 -8.18
CA SER D 156 4.33 5.41 -7.86
CA SER D 156 4.34 5.42 -7.80
C SER D 156 3.18 6.23 -8.38
C SER D 156 3.20 6.25 -8.39
N GLY D 157 2.46 5.70 -9.35
CA GLY D 157 1.38 6.41 -9.99
C GLY D 157 1.79 7.06 -11.26
N THR D 158 1.10 8.14 -11.58
CA THR D 158 1.26 8.78 -12.83
C THR D 158 1.53 10.26 -12.66
N LEU D 159 2.35 10.81 -13.54
CA LEU D 159 2.59 12.26 -13.54
C LEU D 159 1.77 12.88 -14.66
N ASP D 160 0.82 12.08 -15.17
CA ASP D 160 -0.10 12.51 -16.21
C ASP D 160 -0.90 13.77 -15.86
N ASN D 161 -1.23 13.98 -14.58
CA ASN D 161 -1.93 15.22 -14.19
C ASN D 161 -1.02 16.48 -14.18
N ALA D 162 0.30 16.27 -14.30
CA ALA D 162 1.33 17.33 -14.40
C ALA D 162 1.93 17.45 -15.82
N LYS D 163 1.51 16.55 -16.72
CA LYS D 163 1.83 16.57 -18.16
C LYS D 163 0.69 17.25 -18.97
N MSE E 20 25.96 20.56 30.00
CA MSE E 20 26.79 21.10 28.87
C MSE E 20 25.98 21.19 27.59
O MSE E 20 25.56 20.16 27.03
CB MSE E 20 28.01 20.22 28.64
CG MSE E 20 29.17 20.98 27.97
SE MSE E 20 30.93 20.04 27.95
CE MSE E 20 30.71 18.73 29.43
N GLN E 21 25.73 22.40 27.11
CA GLN E 21 24.84 22.61 25.96
C GLN E 21 25.62 22.52 24.64
N CYS E 22 25.14 21.70 23.72
CA CYS E 22 25.73 21.56 22.38
C CYS E 22 25.61 22.85 21.56
N PRO E 23 26.76 23.41 21.14
CA PRO E 23 26.68 24.58 20.26
C PRO E 23 25.85 24.33 18.99
N ILE E 24 25.14 25.36 18.51
CA ILE E 24 24.31 25.23 17.32
C ILE E 24 25.14 24.77 16.10
N GLU E 25 26.37 25.27 15.96
CA GLU E 25 27.23 24.90 14.81
C GLU E 25 27.51 23.40 14.83
N ASP E 26 27.69 22.85 16.03
CA ASP E 26 27.94 21.43 16.19
C ASP E 26 26.69 20.59 15.99
N ARG E 27 25.57 21.08 16.47
CA ARG E 27 24.31 20.41 16.27
C ARG E 27 24.04 20.23 14.78
N LEU E 28 24.20 21.30 14.02
CA LEU E 28 24.02 21.26 12.57
C LEU E 28 25.04 20.37 11.85
N ALA E 29 26.29 20.41 12.31
CA ALA E 29 27.33 19.58 11.73
C ALA E 29 27.02 18.11 11.91
N ILE E 30 26.46 17.76 13.07
CA ILE E 30 26.18 16.36 13.38
C ILE E 30 24.96 15.90 12.56
N GLN E 31 23.93 16.72 12.51
N GLN E 31 23.92 16.72 12.50
CA GLN E 31 22.82 16.49 11.61
CA GLN E 31 22.81 16.47 11.57
C GLN E 31 23.29 16.31 10.16
C GLN E 31 23.32 16.28 10.15
N ASP E 32 24.23 17.16 9.73
CA ASP E 32 24.76 17.10 8.36
C ASP E 32 25.46 15.79 8.10
N LEU E 33 26.18 15.31 9.11
CA LEU E 33 26.86 14.00 9.06
C LEU E 33 25.87 12.87 8.84
N MSE E 34 24.79 12.86 9.60
CA MSE E 34 23.76 11.84 9.45
C MSE E 34 23.11 11.91 8.05
O MSE E 34 22.90 10.90 7.39
CB MSE E 34 22.74 11.95 10.60
CG MSE E 34 23.37 11.64 11.98
SE MSE E 34 21.99 11.82 13.38
CE MSE E 34 21.03 10.19 13.13
N ILE E 35 22.83 13.12 7.57
CA ILE E 35 22.30 13.32 6.24
C ILE E 35 23.30 12.87 5.12
N ALA E 36 24.60 13.11 5.37
CA ALA E 36 25.68 12.62 4.51
C ALA E 36 25.68 11.10 4.43
N TYR E 37 25.48 10.45 5.57
CA TYR E 37 25.36 9.00 5.63
C TYR E 37 24.21 8.50 4.72
N ALA E 38 23.05 9.12 4.87
CA ALA E 38 21.87 8.77 4.12
C ALA E 38 22.16 8.96 2.64
N HIS E 39 22.84 10.05 2.27
CA HIS E 39 23.17 10.33 0.87
C HIS E 39 24.05 9.23 0.27
N ALA E 40 25.05 8.81 1.02
CA ALA E 40 25.99 7.78 0.61
C ALA E 40 25.29 6.42 0.43
N VAL E 41 24.48 6.03 1.41
CA VAL E 41 23.63 4.85 1.29
C VAL E 41 22.73 4.93 0.07
N ASP E 42 22.15 6.10 -0.18
CA ASP E 42 21.18 6.20 -1.25
C ASP E 42 21.76 6.25 -2.65
N THR E 43 23.08 6.33 -2.76
CA THR E 43 23.73 6.15 -4.06
C THR E 43 23.66 4.70 -4.56
N VAL E 44 23.47 3.77 -3.63
CA VAL E 44 23.52 2.33 -3.89
C VAL E 44 24.83 1.96 -4.56
N SER E 45 25.90 2.69 -4.24
CA SER E 45 27.18 2.43 -4.89
C SER E 45 28.42 2.94 -4.17
N ASP E 46 28.39 4.12 -3.56
CA ASP E 46 29.62 4.76 -3.10
C ASP E 46 30.04 4.36 -1.69
N ILE E 47 30.72 3.23 -1.60
CA ILE E 47 31.14 2.71 -0.32
C ILE E 47 32.14 3.65 0.38
N ASP E 48 33.00 4.29 -0.38
CA ASP E 48 33.98 5.19 0.22
C ASP E 48 33.27 6.37 0.92
N ALA E 49 32.18 6.85 0.34
CA ALA E 49 31.42 7.94 0.90
C ALA E 49 30.71 7.48 2.20
N VAL E 50 30.27 6.23 2.24
CA VAL E 50 29.69 5.66 3.45
C VAL E 50 30.79 5.57 4.52
N LEU E 51 31.94 5.04 4.14
CA LEU E 51 33.03 4.91 5.11
C LEU E 51 33.57 6.24 5.65
N ASP E 52 33.51 7.29 4.85
CA ASP E 52 33.95 8.62 5.31
C ASP E 52 33.15 9.16 6.54
N VAL E 53 31.97 8.61 6.77
CA VAL E 53 31.15 8.97 7.94
C VAL E 53 31.68 8.47 9.26
N PHE E 54 32.39 7.34 9.23
CA PHE E 54 32.69 6.58 10.43
C PHE E 54 34.15 6.66 10.83
N THR E 55 34.41 6.69 12.12
CA THR E 55 35.75 6.56 12.58
C THR E 55 36.23 5.13 12.26
N GLU E 56 37.53 4.93 12.39
CA GLU E 56 38.16 3.63 12.09
C GLU E 56 37.80 2.53 13.09
N ASP E 57 37.41 2.95 14.28
CA ASP E 57 36.95 2.04 15.31
C ASP E 57 35.44 1.98 15.50
N ALA E 58 34.68 2.48 14.55
CA ALA E 58 33.25 2.61 14.71
C ALA E 58 32.52 1.26 14.83
N VAL E 59 31.49 1.25 15.68
CA VAL E 59 30.66 0.07 15.83
C VAL E 59 29.38 0.34 15.03
N PHE E 60 29.09 -0.54 14.06
CA PHE E 60 27.99 -0.37 13.11
C PHE E 60 27.04 -1.50 13.51
N ASP E 61 26.14 -1.20 14.44
CA ASP E 61 25.41 -2.28 15.14
C ASP E 61 23.93 -2.14 14.92
N LEU E 62 23.42 -2.85 13.92
CA LEU E 62 22.00 -2.77 13.55
C LEU E 62 21.22 -4.00 14.04
N SER E 63 21.69 -4.63 15.10
CA SER E 63 20.96 -5.73 15.71
C SER E 63 19.59 -5.35 16.23
N GLY E 64 19.38 -4.06 16.46
CA GLY E 64 18.10 -3.56 16.88
C GLY E 64 17.01 -3.72 15.85
N ILE E 65 17.39 -3.80 14.57
CA ILE E 65 16.43 -4.17 13.53
C ILE E 65 16.67 -5.56 12.91
N GLY E 66 17.46 -6.41 13.57
CA GLY E 66 17.65 -7.78 13.15
C GLY E 66 18.89 -8.12 12.33
N LEU E 67 19.85 -7.20 12.24
CA LEU E 67 21.04 -7.41 11.40
C LEU E 67 22.28 -7.71 12.25
N THR E 68 23.30 -8.30 11.65
CA THR E 68 24.50 -8.67 12.40
C THR E 68 25.39 -7.43 12.60
N PRO E 69 25.83 -7.18 13.85
CA PRO E 69 26.76 -6.06 14.10
C PRO E 69 28.07 -6.17 13.31
N GLN E 70 28.61 -5.02 12.89
CA GLN E 70 29.89 -4.91 12.22
C GLN E 70 30.77 -3.92 13.01
N VAL E 71 32.08 -4.01 12.82
CA VAL E 71 32.97 -3.06 13.46
C VAL E 71 34.06 -2.68 12.49
N GLY E 72 34.46 -1.41 12.51
CA GLY E 72 35.59 -0.98 11.68
C GLY E 72 35.15 -0.77 10.24
N HIS E 73 35.98 -0.05 9.50
CA HIS E 73 35.77 0.16 8.07
C HIS E 73 35.68 -1.17 7.28
N ALA E 74 36.45 -2.19 7.65
CA ALA E 74 36.44 -3.44 6.91
C ALA E 74 35.05 -4.06 7.00
N GLY E 75 34.46 -3.97 8.18
CA GLY E 75 33.20 -4.62 8.46
C GLY E 75 32.08 -3.86 7.82
N ILE E 76 32.14 -2.54 7.92
CA ILE E 76 31.16 -1.69 7.28
C ILE E 76 31.26 -1.85 5.75
N ARG E 77 32.47 -1.95 5.22
CA ARG E 77 32.64 -2.20 3.77
C ARG E 77 32.00 -3.52 3.34
N GLU E 78 32.22 -4.57 4.11
CA GLU E 78 31.61 -5.88 3.86
C GLU E 78 30.08 -5.76 3.81
N PHE E 79 29.52 -5.10 4.82
CA PHE E 79 28.08 -4.89 4.89
C PHE E 79 27.52 -4.19 3.65
N PHE E 80 28.13 -3.10 3.18
CA PHE E 80 27.61 -2.38 2.04
C PHE E 80 27.93 -3.02 0.70
N THR E 81 28.99 -3.80 0.63
CA THR E 81 29.26 -4.59 -0.55
C THR E 81 28.07 -5.52 -0.83
N ASN E 82 27.59 -6.19 0.21
CA ASN E 82 26.43 -7.03 0.11
C ASN E 82 25.14 -6.28 -0.21
N VAL E 83 24.86 -5.21 0.54
CA VAL E 83 23.64 -4.40 0.35
C VAL E 83 23.63 -3.84 -1.07
N PHE E 84 24.74 -3.24 -1.48
CA PHE E 84 24.82 -2.62 -2.78
C PHE E 84 24.74 -3.64 -3.91
N ALA E 85 25.21 -4.87 -3.67
CA ALA E 85 25.07 -5.92 -4.64
C ALA E 85 23.62 -6.38 -4.76
N ASN E 86 22.86 -6.34 -3.67
CA ASN E 86 21.51 -6.91 -3.62
C ASN E 86 20.38 -5.92 -3.92
N MSE E 87 20.63 -4.62 -3.77
CA MSE E 87 19.56 -3.61 -3.85
C MSE E 87 19.54 -2.86 -5.17
O MSE E 87 20.59 -2.65 -5.77
CB MSE E 87 19.70 -2.58 -2.74
CG MSE E 87 19.60 -3.18 -1.31
SE MSE E 87 17.85 -4.08 -1.03
CE MSE E 87 16.89 -2.55 -0.98
N SER E 88 18.35 -2.48 -5.63
CA SER E 88 18.20 -1.63 -6.79
C SER E 88 18.11 -0.16 -6.41
N HIS E 89 17.23 0.17 -5.46
CA HIS E 89 16.96 1.58 -5.13
C HIS E 89 16.75 1.70 -3.65
N HIS E 90 17.20 2.83 -3.12
CA HIS E 90 17.14 3.15 -1.69
C HIS E 90 16.71 4.57 -1.49
N ALA E 91 16.03 4.84 -0.38
CA ALA E 91 15.86 6.21 0.10
C ALA E 91 15.74 6.20 1.59
N HIS E 92 16.58 7.03 2.25
CA HIS E 92 16.58 7.18 3.69
C HIS E 92 16.30 8.61 4.15
N TYR E 93 15.01 8.84 4.40
CA TYR E 93 14.52 10.12 4.88
C TYR E 93 14.81 10.20 6.34
N LEU E 94 15.43 11.30 6.75
CA LEU E 94 15.80 11.48 8.15
C LEU E 94 15.15 12.74 8.69
N THR E 95 14.52 12.63 9.84
CA THR E 95 13.70 13.69 10.42
C THR E 95 13.79 13.65 11.95
N ASN E 96 13.16 14.62 12.61
CA ASN E 96 13.03 14.58 14.07
C ASN E 96 14.37 14.49 14.77
N PHE E 97 15.38 15.17 14.26
CA PHE E 97 16.71 15.15 14.91
C PHE E 97 16.65 15.73 16.32
N ALA E 98 17.27 15.05 17.28
CA ALA E 98 17.35 15.49 18.65
C ALA E 98 18.74 15.19 19.16
N VAL E 99 19.37 16.20 19.77
CA VAL E 99 20.60 15.97 20.52
C VAL E 99 20.25 15.28 21.82
N THR E 100 20.89 14.15 22.07
CA THR E 100 20.62 13.36 23.24
C THR E 100 21.79 13.33 24.20
N GLY E 101 22.93 13.90 23.82
CA GLY E 101 24.10 13.97 24.68
C GLY E 101 25.15 14.87 24.09
N TYR E 102 25.90 15.55 24.95
CA TYR E 102 27.00 16.40 24.52
C TYR E 102 27.99 16.52 25.63
N GLU E 103 29.23 16.17 25.36
CA GLU E 103 30.28 16.22 26.35
C GLU E 103 31.51 16.95 25.81
N GLY E 104 31.33 17.77 24.80
CA GLY E 104 32.43 18.58 24.26
C GLY E 104 33.05 17.99 23.02
N ASP E 105 33.87 16.95 23.18
N ASP E 105 33.83 16.93 23.25
CA ASP E 105 34.48 16.28 22.02
CA ASP E 105 34.55 16.19 22.23
C ASP E 105 33.73 15.01 21.64
C ASP E 105 33.71 15.05 21.64
N THR E 106 32.60 14.74 22.31
CA THR E 106 31.72 13.64 21.91
C THR E 106 30.28 14.09 22.08
N ALA E 107 29.38 13.45 21.35
CA ALA E 107 27.97 13.77 21.40
C ALA E 107 27.16 12.61 20.91
N SER E 108 25.85 12.70 21.05
N SER E 108 25.85 12.74 21.08
CA SER E 108 24.96 11.69 20.51
CA SER E 108 24.86 11.77 20.61
C SER E 108 23.68 12.33 20.03
C SER E 108 23.73 12.48 19.92
N MSE E 109 23.18 11.82 18.91
N MSE E 109 23.14 11.80 18.94
CA MSE E 109 22.00 12.35 18.25
CA MSE E 109 21.97 12.34 18.27
C MSE E 109 21.06 11.21 17.83
C MSE E 109 21.05 11.22 17.81
O MSE E 109 21.51 10.14 17.40
O MSE E 109 21.51 10.16 17.35
CB MSE E 109 22.38 13.18 17.02
CB MSE E 109 22.37 13.22 17.06
CG MSE E 109 21.22 13.71 16.21
CG MSE E 109 21.23 14.05 16.51
SE MSE E 109 21.66 15.05 14.88
SE MSE E 109 21.81 15.59 15.50
CE MSE E 109 22.50 16.41 16.19
CE MSE E 109 21.99 14.75 13.75
N ARG E 110 19.75 11.47 17.94
CA ARG E 110 18.71 10.55 17.53
C ARG E 110 18.03 11.17 16.33
N ALA E 111 17.56 10.34 15.41
CA ALA E 111 16.70 10.80 14.33
C ALA E 111 15.66 9.73 14.02
N TYR E 112 14.56 10.15 13.38
CA TYR E 112 13.64 9.15 12.83
C TYR E 112 14.09 8.86 11.40
N VAL E 113 13.83 7.65 10.94
CA VAL E 113 14.05 7.30 9.54
C VAL E 113 12.81 6.70 8.90
N ILE E 114 12.55 7.09 7.65
CA ILE E 114 11.83 6.24 6.74
C ILE E 114 12.85 5.65 5.75
N GLY E 115 13.20 4.38 5.96
CA GLY E 115 14.17 3.68 5.14
C GLY E 115 13.47 2.81 4.12
N MSE E 116 13.43 3.25 2.85
CA MSE E 116 12.77 2.52 1.80
C MSE E 116 13.79 1.86 0.88
O MSE E 116 14.81 2.44 0.57
CB MSE E 116 12.02 3.45 0.87
CG MSE E 116 11.04 4.22 1.49
SE MSE E 116 10.39 5.48 0.16
CE MSE E 116 9.46 6.22 1.60
CE MSE E 116 12.05 6.16 -0.56
N GLY E 117 13.47 0.66 0.41
CA GLY E 117 14.33 -0.01 -0.56
C GLY E 117 13.53 -0.97 -1.41
N VAL E 118 14.08 -1.28 -2.59
CA VAL E 118 13.59 -2.35 -3.42
C VAL E 118 14.81 -3.13 -3.91
N GLY E 119 14.76 -4.43 -3.72
CA GLY E 119 15.85 -5.32 -4.10
C GLY E 119 15.88 -5.55 -5.59
N LYS E 120 17.01 -6.08 -6.06
CA LYS E 120 17.10 -6.54 -7.44
C LYS E 120 16.12 -7.70 -7.67
N ASP E 121 15.73 -8.40 -6.62
CA ASP E 121 14.74 -9.44 -6.75
C ASP E 121 13.30 -8.91 -6.71
N GLY E 122 13.17 -7.60 -6.63
CA GLY E 122 11.88 -6.95 -6.69
C GLY E 122 11.17 -6.81 -5.38
N ARG E 123 11.77 -7.31 -4.29
N ARG E 123 11.78 -7.28 -4.29
CA ARG E 123 11.14 -7.24 -2.96
CA ARG E 123 11.13 -7.22 -2.97
C ARG E 123 11.35 -5.88 -2.32
C ARG E 123 11.36 -5.89 -2.30
N ALA E 124 10.26 -5.27 -1.87
CA ALA E 124 10.30 -3.97 -1.21
C ALA E 124 10.57 -4.09 0.26
N VAL E 125 11.08 -3.03 0.85
CA VAL E 125 11.26 -2.97 2.30
C VAL E 125 11.05 -1.53 2.75
N THR E 126 10.31 -1.33 3.84
CA THR E 126 10.28 -0.02 4.52
C THR E 126 10.47 -0.19 6.04
N VAL E 127 11.52 0.47 6.55
CA VAL E 127 11.76 0.61 7.97
C VAL E 127 11.23 1.96 8.43
N ASN E 128 10.28 1.92 9.37
CA ASN E 128 9.89 3.12 10.11
C ASN E 128 10.51 2.97 11.47
N GLY E 129 11.60 3.71 11.74
CA GLY E 129 12.37 3.47 12.96
C GLY E 129 13.21 4.67 13.32
N ARG E 130 14.25 4.41 14.09
CA ARG E 130 15.09 5.46 14.60
C ARG E 130 16.57 5.08 14.47
N TYR E 131 17.37 6.10 14.14
CA TYR E 131 18.81 6.02 14.15
C TYR E 131 19.34 6.65 15.45
N PHE E 132 20.35 6.05 16.03
CA PHE E 132 21.05 6.63 17.17
C PHE E 132 22.53 6.66 16.77
N PHE E 133 23.07 7.87 16.57
CA PHE E 133 24.53 8.07 16.32
C PHE E 133 25.22 8.54 17.55
N GLU E 134 26.37 7.91 17.87
CA GLU E 134 27.36 8.56 18.67
C GLU E 134 28.47 9.10 17.79
N VAL E 135 29.00 10.27 18.20
CA VAL E 135 29.96 11.00 17.38
C VAL E 135 31.13 11.53 18.20
N ARG E 136 32.24 11.74 17.51
CA ARG E 136 33.47 12.17 18.10
C ARG E 136 33.97 13.31 17.20
N ARG E 137 34.53 14.32 17.85
CA ARG E 137 35.08 15.46 17.17
C ARG E 137 36.47 15.04 16.69
N THR E 138 36.73 15.08 15.40
CA THR E 138 38.02 14.69 14.86
C THR E 138 38.63 15.88 14.08
N GLU E 139 39.90 15.72 13.70
CA GLU E 139 40.61 16.74 12.93
C GLU E 139 39.94 16.93 11.58
N LYS E 140 39.18 15.96 11.10
CA LYS E 140 38.40 16.12 9.87
C LYS E 140 36.89 16.38 10.12
N GLY E 141 36.53 16.80 11.33
CA GLY E 141 35.13 17.08 11.66
C GLY E 141 34.49 15.98 12.50
N TRP E 142 33.19 16.12 12.75
CA TRP E 142 32.46 15.11 13.49
C TRP E 142 32.36 13.84 12.65
N LYS E 143 32.63 12.71 13.30
CA LYS E 143 32.50 11.39 12.71
C LYS E 143 31.82 10.43 13.69
N ALA E 144 31.17 9.41 13.11
CA ALA E 144 30.33 8.47 13.87
C ALA E 144 31.19 7.37 14.46
N THR E 145 31.08 7.19 15.77
CA THR E 145 31.82 6.14 16.51
C THR E 145 30.90 4.93 16.81
N ARG E 146 29.59 5.14 16.76
CA ARG E 146 28.62 4.09 17.01
C ARG E 146 27.30 4.47 16.37
N TYR E 147 26.62 3.45 15.86
CA TYR E 147 25.40 3.61 15.11
C TYR E 147 24.54 2.40 15.45
N THR E 148 23.36 2.66 16.02
CA THR E 148 22.41 1.61 16.42
C THR E 148 21.02 2.06 15.91
N MSE E 149 20.07 1.14 15.89
CA MSE E 149 18.71 1.45 15.40
C MSE E 149 17.66 0.71 16.20
O MSE E 149 17.92 -0.23 16.93
CB MSE E 149 18.56 1.03 13.94
CG MSE E 149 19.23 1.95 12.99
SE MSE E 149 18.82 1.34 11.16
CE MSE E 149 16.92 1.87 10.99
N ASP E 150 16.43 1.16 16.05
CA ASP E 150 15.29 0.37 16.48
C ASP E 150 14.09 0.70 15.63
N PHE E 151 13.00 0.00 15.87
CA PHE E 151 11.73 0.24 15.17
C PHE E 151 10.72 1.12 15.90
N LEU E 152 9.98 1.92 15.13
CA LEU E 152 8.80 2.59 15.61
C LEU E 152 7.51 1.81 15.19
N MSE E 153 7.55 1.11 14.06
CA MSE E 153 6.41 0.40 13.51
C MSE E 153 6.95 -0.97 13.09
O MSE E 153 8.16 -1.12 12.87
CB MSE E 153 5.84 1.12 12.25
CG MSE E 153 5.19 2.49 12.46
SE MSE E 153 3.57 2.48 13.48
CE MSE E 153 2.40 1.93 12.07
N PRO E 154 6.09 -2.00 13.07
CA PRO E 154 6.56 -3.30 12.57
C PRO E 154 7.14 -3.20 11.17
N LEU E 155 8.25 -3.89 10.95
CA LEU E 155 8.88 -3.94 9.64
C LEU E 155 7.92 -4.24 8.50
N SER E 156 8.01 -3.43 7.44
N SER E 156 8.04 -3.46 7.44
CA SER E 156 7.30 -3.71 6.19
CA SER E 156 7.33 -3.71 6.19
C SER E 156 8.29 -4.33 5.22
C SER E 156 8.31 -4.33 5.20
N GLY E 157 7.97 -5.52 4.74
CA GLY E 157 8.84 -6.25 3.82
C GLY E 157 9.89 -7.02 4.53
N THR E 158 11.04 -7.11 3.89
CA THR E 158 12.03 -8.03 4.32
C THR E 158 13.38 -7.30 4.43
N LEU E 159 14.19 -7.74 5.37
CA LEU E 159 15.55 -7.27 5.45
C LEU E 159 16.54 -8.33 4.93
N ASP E 160 16.03 -9.35 4.22
CA ASP E 160 16.85 -10.45 3.67
C ASP E 160 17.96 -9.96 2.75
N ASN E 161 17.71 -8.86 2.02
CA ASN E 161 18.70 -8.27 1.11
C ASN E 161 19.85 -7.49 1.79
N ALA E 162 19.70 -7.23 3.09
CA ALA E 162 20.77 -6.65 3.93
C ALA E 162 21.45 -7.73 4.82
N LYS E 163 20.92 -8.96 4.77
CA LYS E 163 21.57 -10.12 5.42
C LYS E 163 22.42 -10.92 4.43
N GLN F 21 12.11 37.74 12.21
CA GLN F 21 12.82 38.22 13.42
C GLN F 21 12.98 37.15 14.53
N CYS F 22 12.53 35.91 14.31
CA CYS F 22 12.75 34.86 15.32
C CYS F 22 14.23 34.50 15.42
N PRO F 23 14.85 34.68 16.60
CA PRO F 23 16.25 34.23 16.73
C PRO F 23 16.46 32.74 16.43
N ILE F 24 17.62 32.40 15.92
CA ILE F 24 17.89 31.02 15.53
C ILE F 24 17.75 30.10 16.73
N GLU F 25 18.22 30.55 17.89
CA GLU F 25 18.15 29.71 19.10
C GLU F 25 16.70 29.36 19.43
N ASP F 26 15.81 30.33 19.28
CA ASP F 26 14.38 30.13 19.55
C ASP F 26 13.68 29.29 18.51
N ARG F 27 14.02 29.50 17.24
CA ARG F 27 13.56 28.64 16.18
C ARG F 27 13.84 27.18 16.50
N LEU F 28 15.09 26.87 16.85
CA LEU F 28 15.46 25.50 17.15
C LEU F 28 14.80 24.97 18.43
N ALA F 29 14.65 25.82 19.44
CA ALA F 29 13.99 25.47 20.67
C ALA F 29 12.54 25.07 20.45
N ILE F 30 11.85 25.83 19.62
CA ILE F 30 10.44 25.57 19.32
C ILE F 30 10.32 24.27 18.48
N GLN F 31 11.17 24.11 17.48
N GLN F 31 11.16 24.16 17.48
CA GLN F 31 11.19 22.85 16.72
CA GLN F 31 11.25 22.93 16.70
C GLN F 31 11.44 21.70 17.65
C GLN F 31 11.48 21.73 17.61
N ASP F 32 12.39 21.87 18.55
CA ASP F 32 12.72 20.80 19.50
C ASP F 32 11.55 20.43 20.43
N LEU F 33 10.76 21.42 20.82
CA LEU F 33 9.55 21.18 21.60
C LEU F 33 8.59 20.28 20.83
N MSE F 34 8.34 20.63 19.57
CA MSE F 34 7.47 19.82 18.70
C MSE F 34 8.01 18.39 18.53
O MSE F 34 7.25 17.44 18.57
CB MSE F 34 7.26 20.50 17.37
CG MSE F 34 6.58 21.83 17.53
SE MSE F 34 6.16 22.73 15.86
CE MSE F 34 4.70 21.62 15.21
N ILE F 35 9.30 18.26 18.36
CA ILE F 35 9.97 16.97 18.26
C ILE F 35 9.88 16.17 19.54
N ALA F 36 9.99 16.88 20.67
CA ALA F 36 9.82 16.29 21.99
C ALA F 36 8.37 15.80 22.18
N TYR F 37 7.38 16.55 21.70
CA TYR F 37 6.00 16.09 21.68
C TYR F 37 5.87 14.78 20.89
N ALA F 38 6.43 14.75 19.68
CA ALA F 38 6.36 13.56 18.81
C ALA F 38 6.96 12.41 19.58
N HIS F 39 8.10 12.63 20.23
CA HIS F 39 8.77 11.55 20.94
C HIS F 39 7.91 11.01 22.11
N ALA F 40 7.29 11.91 22.86
CA ALA F 40 6.43 11.53 23.97
C ALA F 40 5.24 10.69 23.49
N VAL F 41 4.60 11.15 22.42
CA VAL F 41 3.48 10.43 21.83
C VAL F 41 3.88 9.03 21.33
N ASP F 42 5.10 8.95 20.79
CA ASP F 42 5.61 7.74 20.17
C ASP F 42 6.10 6.72 21.18
N THR F 43 6.15 7.10 22.44
CA THR F 43 6.38 6.12 23.50
C THR F 43 5.15 5.22 23.67
N VAL F 44 4.00 5.69 23.26
CA VAL F 44 2.70 5.04 23.50
C VAL F 44 2.47 4.75 24.98
N SER F 45 3.09 5.51 25.88
CA SER F 45 2.93 5.30 27.30
C SER F 45 3.21 6.50 28.22
N ASP F 46 4.16 7.36 27.90
CA ASP F 46 4.62 8.38 28.84
C ASP F 46 3.77 9.65 28.81
N ILE F 47 2.67 9.60 29.52
CA ILE F 47 1.71 10.68 29.58
C ILE F 47 2.33 11.95 30.19
N ASP F 48 3.15 11.81 31.23
CA ASP F 48 3.80 12.94 31.83
C ASP F 48 4.73 13.68 30.86
N ALA F 49 5.44 12.95 30.02
CA ALA F 49 6.26 13.55 28.95
C ALA F 49 5.39 14.34 27.96
N VAL F 50 4.25 13.80 27.58
CA VAL F 50 3.35 14.54 26.69
C VAL F 50 2.89 15.83 27.35
N LEU F 51 2.42 15.72 28.60
CA LEU F 51 1.86 16.87 29.31
C LEU F 51 2.89 17.99 29.52
N ASP F 52 4.16 17.61 29.69
CA ASP F 52 5.24 18.56 29.92
C ASP F 52 5.47 19.55 28.77
N VAL F 53 4.99 19.21 27.56
CA VAL F 53 5.02 20.09 26.40
C VAL F 53 4.14 21.32 26.50
N PHE F 54 3.08 21.21 27.30
CA PHE F 54 1.95 22.13 27.31
C PHE F 54 1.89 23.02 28.55
N THR F 55 1.47 24.25 28.34
CA THR F 55 1.21 25.16 29.43
C THR F 55 -0.05 24.65 30.16
N GLU F 56 -0.28 25.13 31.37
CA GLU F 56 -1.42 24.67 32.12
C GLU F 56 -2.75 25.16 31.58
N ASP F 57 -2.71 26.18 30.72
CA ASP F 57 -3.90 26.74 30.07
C ASP F 57 -3.99 26.35 28.60
N ALA F 58 -3.27 25.32 28.21
CA ALA F 58 -3.12 24.97 26.77
C ALA F 58 -4.46 24.47 26.24
N VAL F 59 -4.75 24.82 24.98
CA VAL F 59 -5.92 24.34 24.26
C VAL F 59 -5.41 23.27 23.27
N PHE F 60 -5.94 22.05 23.39
CA PHE F 60 -5.55 20.92 22.56
C PHE F 60 -6.77 20.63 21.68
N ASP F 61 -6.74 21.17 20.46
CA ASP F 61 -7.93 21.22 19.65
C ASP F 61 -7.70 20.50 18.36
N LEU F 62 -8.07 19.24 18.32
CA LEU F 62 -7.84 18.48 17.07
C LEU F 62 -9.13 18.33 16.25
N SER F 63 -10.08 19.24 16.49
CA SER F 63 -11.32 19.31 15.69
C SER F 63 -11.05 19.39 14.18
N GLY F 64 -9.94 20.03 13.79
CA GLY F 64 -9.48 20.07 12.36
C GLY F 64 -9.22 18.72 11.69
N ILE F 65 -8.95 17.73 12.54
CA ILE F 65 -8.63 16.32 12.18
C ILE F 65 -9.89 15.45 12.60
N GLY F 66 -10.96 16.13 13.04
CA GLY F 66 -12.22 15.50 13.40
C GLY F 66 -12.31 14.95 14.82
N LEU F 67 -11.36 15.30 15.68
CA LEU F 67 -11.37 14.86 17.09
C LEU F 67 -11.93 15.98 18.04
N THR F 68 -12.56 15.60 19.16
CA THR F 68 -13.06 16.58 20.17
C THR F 68 -11.96 17.45 20.87
N PRO F 69 -12.21 18.79 21.05
CA PRO F 69 -11.23 19.68 21.72
C PRO F 69 -11.10 19.41 23.22
N GLN F 70 -9.94 19.76 23.78
CA GLN F 70 -9.64 19.62 25.20
C GLN F 70 -8.90 20.84 25.69
N VAL F 71 -9.01 21.11 26.97
CA VAL F 71 -8.34 22.23 27.58
C VAL F 71 -7.56 21.71 28.79
N GLY F 72 -6.34 22.23 28.95
CA GLY F 72 -5.58 21.97 30.15
C GLY F 72 -4.97 20.60 30.21
N HIS F 73 -4.15 20.37 31.23
CA HIS F 73 -3.51 19.09 31.42
C HIS F 73 -4.55 18.01 31.67
N ALA F 74 -5.61 18.31 32.42
CA ALA F 74 -6.61 17.28 32.75
C ALA F 74 -7.22 16.70 31.45
N GLY F 75 -7.57 17.58 30.52
CA GLY F 75 -8.16 17.19 29.24
C GLY F 75 -7.19 16.43 28.36
N ILE F 76 -5.98 16.94 28.30
CA ILE F 76 -4.93 16.33 27.46
C ILE F 76 -4.61 14.93 28.01
N ARG F 77 -4.55 14.81 29.35
CA ARG F 77 -4.32 13.51 29.97
C ARG F 77 -5.46 12.51 29.66
N GLU F 78 -6.71 12.96 29.68
CA GLU F 78 -7.84 12.09 29.32
C GLU F 78 -7.67 11.58 27.88
N PHE F 79 -7.39 12.48 26.95
CA PHE F 79 -7.15 12.14 25.55
C PHE F 79 -6.09 11.05 25.41
N PHE F 80 -4.92 11.26 25.98
CA PHE F 80 -3.82 10.30 25.82
C PHE F 80 -3.94 9.03 26.63
N THR F 81 -4.69 9.09 27.73
CA THR F 81 -4.98 7.85 28.46
C THR F 81 -5.76 6.89 27.53
N ASN F 82 -6.69 7.43 26.77
CA ASN F 82 -7.49 6.62 25.86
C ASN F 82 -6.67 6.18 24.64
N VAL F 83 -5.94 7.11 24.04
CA VAL F 83 -5.10 6.78 22.90
C VAL F 83 -4.10 5.69 23.27
N PHE F 84 -3.40 5.86 24.38
CA PHE F 84 -2.38 4.90 24.74
C PHE F 84 -2.99 3.54 25.10
N ALA F 85 -4.20 3.52 25.66
CA ALA F 85 -4.90 2.28 25.92
C ALA F 85 -5.22 1.52 24.64
N ASN F 86 -5.47 2.22 23.55
CA ASN F 86 -6.00 1.61 22.33
C ASN F 86 -4.94 1.30 21.25
N MSE F 87 -3.80 1.94 21.33
CA MSE F 87 -2.77 1.86 20.30
C MSE F 87 -1.64 0.95 20.68
O MSE F 87 -1.32 0.78 21.87
CB MSE F 87 -2.22 3.25 20.00
CG MSE F 87 -3.26 4.22 19.45
SE MSE F 87 -4.14 3.56 17.85
CE MSE F 87 -2.63 3.72 16.81
N SER F 88 -1.05 0.32 19.67
N SER F 88 -1.02 0.36 19.65
CA SER F 88 0.13 -0.55 19.86
CA SER F 88 0.08 -0.58 19.82
C SER F 88 1.42 0.19 19.48
C SER F 88 1.43 0.06 19.41
N HIS F 89 1.44 0.80 18.30
CA HIS F 89 2.64 1.45 17.79
C HIS F 89 2.26 2.79 17.19
N HIS F 90 3.16 3.77 17.30
CA HIS F 90 3.06 5.14 16.82
C HIS F 90 4.37 5.60 16.19
N ALA F 91 4.27 6.41 15.14
CA ALA F 91 5.38 7.18 14.58
C ALA F 91 4.85 8.49 14.06
N HIS F 92 5.38 9.60 14.60
CA HIS F 92 5.02 10.95 14.15
C HIS F 92 6.23 11.68 13.60
N TYR F 93 6.40 11.60 12.30
CA TYR F 93 7.40 12.37 11.57
C TYR F 93 6.96 13.80 11.37
N LEU F 94 7.83 14.72 11.77
CA LEU F 94 7.63 16.14 11.63
C LEU F 94 8.65 16.76 10.71
N THR F 95 8.15 17.50 9.72
CA THR F 95 8.97 18.16 8.68
C THR F 95 8.44 19.51 8.30
N ASN F 96 9.14 20.20 7.40
CA ASN F 96 8.68 21.45 6.80
C ASN F 96 8.36 22.48 7.86
N PHE F 97 9.18 22.56 8.91
CA PHE F 97 9.01 23.56 9.99
C PHE F 97 9.08 24.96 9.39
N ALA F 98 8.09 25.79 9.72
CA ALA F 98 8.04 27.17 9.33
C ALA F 98 7.58 28.02 10.52
N VAL F 99 8.31 29.09 10.83
CA VAL F 99 7.93 30.02 11.91
C VAL F 99 6.93 30.91 11.20
N THR F 100 5.67 30.88 11.57
CA THR F 100 4.67 31.71 10.91
C THR F 100 4.39 33.04 11.67
N GLY F 101 4.88 33.15 12.89
CA GLY F 101 4.75 34.35 13.69
C GLY F 101 5.73 34.33 14.84
N TYR F 102 6.20 35.51 15.23
CA TYR F 102 7.11 35.65 16.33
C TYR F 102 6.89 37.00 16.95
N GLU F 103 6.63 36.99 18.25
CA GLU F 103 6.36 38.22 18.98
C GLU F 103 7.29 38.42 20.15
N GLY F 104 8.33 37.62 20.28
CA GLY F 104 9.23 37.81 21.39
C GLY F 104 9.02 36.73 22.43
N ASP F 105 7.94 36.82 23.20
CA ASP F 105 7.65 35.78 24.22
C ASP F 105 6.49 34.86 23.82
N THR F 106 5.91 35.10 22.65
CA THR F 106 5.01 34.15 22.02
C THR F 106 5.47 33.98 20.55
N ALA F 107 5.09 32.86 19.95
CA ALA F 107 5.43 32.55 18.56
C ALA F 107 4.43 31.50 18.01
N SER F 108 4.46 31.31 16.70
CA SER F 108 3.65 30.33 16.00
C SER F 108 4.53 29.53 15.02
N MSE F 109 4.41 28.21 15.06
N MSE F 109 4.35 28.21 15.02
CA MSE F 109 5.14 27.35 14.13
CA MSE F 109 5.14 27.30 14.21
C MSE F 109 4.20 26.34 13.51
C MSE F 109 4.23 26.29 13.53
O MSE F 109 3.33 25.78 14.18
O MSE F 109 3.38 25.66 14.18
CB MSE F 109 6.28 26.63 14.83
CB MSE F 109 6.14 26.57 15.10
CG MSE F 109 7.04 25.63 13.94
CG MSE F 109 7.06 25.55 14.44
SE MSE F 109 8.70 25.03 14.71
SE MSE F 109 8.53 26.43 13.59
CE MSE F 109 9.60 26.77 14.95
CE MSE F 109 9.89 26.16 14.96
N ARG F 110 4.37 26.15 12.20
CA ARG F 110 3.69 25.12 11.45
C ARG F 110 4.69 24.03 11.14
N ALA F 111 4.22 22.76 11.12
CA ALA F 111 4.99 21.61 10.62
C ALA F 111 4.04 20.69 9.81
N TYR F 112 4.60 19.93 8.89
CA TYR F 112 3.92 18.80 8.30
C TYR F 112 4.09 17.58 9.17
N VAL F 113 3.09 16.70 9.20
CA VAL F 113 3.22 15.45 9.91
C VAL F 113 2.93 14.28 8.98
N ILE F 114 3.68 13.20 9.17
CA ILE F 114 3.25 11.87 8.79
C ILE F 114 2.97 11.15 10.08
N GLY F 115 1.70 11.03 10.44
CA GLY F 115 1.31 10.45 11.72
C GLY F 115 0.83 9.02 11.52
N MSE F 116 1.61 8.03 11.97
CA MSE F 116 1.30 6.65 11.77
C MSE F 116 0.96 5.98 13.06
O MSE F 116 1.49 6.29 14.14
CB MSE F 116 2.48 5.89 11.14
CG MSE F 116 3.04 6.56 10.01
SE MSE F 116 4.59 5.49 9.44
CE MSE F 116 3.58 3.92 8.79
CE MSE F 116 5.10 6.69 8.06
N GLY F 117 0.06 5.01 12.94
CA GLY F 117 -0.37 4.25 14.08
C GLY F 117 -0.92 2.91 13.68
N VAL F 118 -0.82 1.95 14.58
CA VAL F 118 -1.55 0.70 14.44
C VAL F 118 -2.15 0.40 15.80
N GLY F 119 -3.45 0.10 15.80
CA GLY F 119 -4.18 -0.18 17.04
C GLY F 119 -3.89 -1.56 17.60
N LYS F 120 -4.21 -1.74 18.86
CA LYS F 120 -4.22 -3.07 19.43
C LYS F 120 -5.23 -3.96 18.67
N ASP F 121 -6.20 -3.37 17.98
CA ASP F 121 -7.16 -4.14 17.17
C ASP F 121 -6.63 -4.45 15.75
N GLY F 122 -5.39 -4.04 15.48
CA GLY F 122 -4.68 -4.35 14.26
C GLY F 122 -4.93 -3.35 13.16
N ARG F 123 -5.79 -2.37 13.40
CA ARG F 123 -6.12 -1.38 12.36
C ARG F 123 -5.11 -0.25 12.29
N ALA F 124 -4.66 0.04 11.08
CA ALA F 124 -3.66 1.07 10.82
C ALA F 124 -4.31 2.40 10.53
N VAL F 125 -3.59 3.46 10.85
CA VAL F 125 -3.99 4.80 10.52
C VAL F 125 -2.77 5.59 10.07
N THR F 126 -2.96 6.41 9.02
CA THR F 126 -1.94 7.36 8.59
C THR F 126 -2.57 8.70 8.30
N VAL F 127 -2.07 9.70 9.00
CA VAL F 127 -2.49 11.06 8.80
C VAL F 127 -1.36 11.77 8.02
N ASN F 128 -1.70 12.34 6.86
CA ASN F 128 -0.83 13.25 6.15
C ASN F 128 -1.40 14.68 6.29
N GLY F 129 -0.77 15.44 7.16
CA GLY F 129 -1.33 16.69 7.61
C GLY F 129 -0.31 17.67 8.11
N ARG F 130 -0.84 18.67 8.81
CA ARG F 130 -0.11 19.80 9.38
C ARG F 130 -0.44 19.94 10.87
N TYR F 131 0.61 20.18 11.65
CA TYR F 131 0.51 20.65 13.03
C TYR F 131 0.71 22.17 13.08
N PHE F 132 -0.10 22.81 13.89
CA PHE F 132 0.03 24.24 14.14
C PHE F 132 0.17 24.39 15.63
N PHE F 133 1.37 24.80 16.08
CA PHE F 133 1.64 25.09 17.49
C PHE F 133 1.68 26.58 17.71
N GLU F 134 0.98 27.04 18.71
CA GLU F 134 1.26 28.31 19.37
C GLU F 134 2.08 28.05 20.63
N VAL F 135 3.08 28.88 20.86
CA VAL F 135 4.04 28.65 21.94
C VAL F 135 4.28 29.91 22.72
N ARG F 136 4.71 29.73 23.96
CA ARG F 136 4.98 30.82 24.88
C ARG F 136 6.28 30.55 25.58
N ARG F 137 7.07 31.60 25.79
CA ARG F 137 8.31 31.54 26.54
C ARG F 137 7.93 31.50 28.04
N THR F 138 8.23 30.43 28.75
CA THR F 138 7.88 30.31 30.16
C THR F 138 9.16 30.18 30.99
N GLU F 139 9.04 30.04 32.30
CA GLU F 139 10.17 29.77 33.16
C GLU F 139 10.87 28.49 32.85
N LYS F 140 10.17 27.58 32.17
CA LYS F 140 10.72 26.29 31.90
C LYS F 140 11.03 26.15 30.41
N GLY F 141 11.12 27.27 29.70
CA GLY F 141 11.38 27.24 28.26
C GLY F 141 10.11 27.45 27.45
N TRP F 142 10.27 27.30 26.15
CA TRP F 142 9.14 27.41 25.24
C TRP F 142 8.16 26.28 25.52
N LYS F 143 6.86 26.60 25.59
CA LYS F 143 5.83 25.58 25.81
C LYS F 143 4.65 25.86 24.93
N ALA F 144 3.87 24.80 24.62
CA ALA F 144 2.74 24.95 23.70
C ALA F 144 1.54 25.45 24.47
N THR F 145 0.90 26.50 23.94
CA THR F 145 -0.31 27.06 24.46
C THR F 145 -1.51 26.67 23.64
N ARG F 146 -1.29 26.29 22.38
CA ARG F 146 -2.38 25.81 21.52
C ARG F 146 -1.82 24.85 20.49
N TYR F 147 -2.59 23.78 20.22
CA TYR F 147 -2.29 22.83 19.22
C TYR F 147 -3.53 22.53 18.40
N THR F 148 -3.42 22.70 17.08
CA THR F 148 -4.46 22.39 16.16
C THR F 148 -3.85 21.69 14.96
N MSE F 149 -4.70 21.11 14.12
CA MSE F 149 -4.24 20.39 12.92
C MSE F 149 -5.21 20.46 11.79
O MSE F 149 -6.36 20.91 11.93
CB MSE F 149 -4.05 18.94 13.26
CG MSE F 149 -2.96 18.67 14.16
SE MSE F 149 -2.97 16.74 14.48
CE MSE F 149 -2.59 16.16 12.59
N ASP F 150 -4.71 20.07 10.62
CA ASP F 150 -5.56 19.83 9.50
C ASP F 150 -4.92 18.77 8.56
N PHE F 151 -5.65 18.39 7.53
CA PHE F 151 -5.19 17.37 6.61
C PHE F 151 -4.61 17.99 5.33
N LEU F 152 -3.59 17.36 4.77
CA LEU F 152 -3.16 17.62 3.40
C LEU F 152 -3.74 16.59 2.42
N MSE F 153 -3.91 15.37 2.89
CA MSE F 153 -4.46 14.29 2.10
C MSE F 153 -5.65 13.69 2.85
O MSE F 153 -5.72 13.79 4.06
CB MSE F 153 -3.40 13.21 1.90
CG MSE F 153 -2.13 13.62 1.12
SE MSE F 153 -2.47 14.06 -0.76
CE MSE F 153 -2.71 12.29 -1.31
N PRO F 154 -6.58 13.04 2.14
CA PRO F 154 -7.70 12.38 2.87
C PRO F 154 -7.17 11.35 3.87
N LEU F 155 -7.77 11.27 5.04
CA LEU F 155 -7.35 10.31 6.07
C LEU F 155 -7.29 8.88 5.54
N SER F 156 -6.24 8.17 5.95
N SER F 156 -6.22 8.19 5.89
CA SER F 156 -6.04 6.77 5.63
CA SER F 156 -6.08 6.78 5.63
C SER F 156 -6.21 5.94 6.92
C SER F 156 -6.31 6.10 6.97
N GLY F 157 -7.36 5.30 7.07
CA GLY F 157 -7.69 4.60 8.32
C GLY F 157 -8.77 5.35 9.07
N THR F 158 -8.90 5.10 10.36
CA THR F 158 -9.88 5.81 11.18
C THR F 158 -9.17 6.35 12.38
N LEU F 159 -9.77 7.35 12.99
CA LEU F 159 -9.20 7.93 14.19
C LEU F 159 -10.11 7.52 15.33
N ASP F 160 -10.80 6.38 15.14
CA ASP F 160 -11.65 5.75 16.16
C ASP F 160 -10.89 5.42 17.43
N ASN F 161 -9.66 4.91 17.29
CA ASN F 161 -8.79 4.65 18.46
C ASN F 161 -8.30 5.94 19.20
N ALA F 162 -8.45 7.11 18.55
CA ALA F 162 -8.23 8.42 19.20
C ALA F 162 -9.53 9.05 19.72
N LYS F 163 -10.66 8.40 19.49
CA LYS F 163 -11.95 8.85 20.03
C LYS F 163 -12.42 7.92 21.18
C1 GOL G . -0.91 -20.73 2.25
O1 GOL G . -0.78 -20.38 0.89
C2 GOL G . 0.14 -21.74 2.70
O2 GOL G . -0.19 -22.97 2.07
C3 GOL G . 0.09 -21.88 4.22
O3 GOL G . 0.71 -20.83 4.97
C1 GOL H . 0.88 -16.44 6.29
O1 GOL H . 1.07 -17.73 6.84
C2 GOL H . 0.23 -16.44 4.90
O2 GOL H . 0.71 -15.36 4.14
C3 GOL H . 0.61 -17.59 4.01
O3 GOL H . 0.52 -17.06 2.69
C1 GOL I . -22.17 -2.78 1.29
O1 GOL I . -21.38 -1.80 1.93
C2 GOL I . -21.63 -4.18 1.55
O2 GOL I . -22.63 -5.14 1.29
C3 GOL I . -20.50 -4.44 0.57
O3 GOL I . -19.70 -5.57 0.95
C1 PEG J . -29.87 -23.01 5.06
O1 PEG J . -30.42 -24.23 4.49
C2 PEG J . -30.94 -22.14 5.72
O2 PEG J . -31.07 -20.88 5.02
C3 PEG J . -32.28 -20.14 5.30
C4 PEG J . -33.13 -20.01 4.03
O4 PEG J . -33.54 -18.69 3.63
C1 GOL K . -1.95 -4.68 -15.60
O1 GOL K . -3.25 -5.13 -15.89
C2 GOL K . -1.20 -4.74 -16.91
O2 GOL K . -1.45 -6.00 -17.48
C3 GOL K . 0.31 -4.61 -16.74
O3 GOL K . 0.95 -4.88 -17.99
C1 GOL L . -4.43 -7.35 -18.93
O1 GOL L . -5.67 -7.23 -18.26
C2 GOL L . -4.51 -6.93 -20.37
O2 GOL L . -5.52 -7.66 -21.04
C3 GOL L . -3.17 -7.15 -21.03
O3 GOL L . -2.22 -6.24 -20.49
CL CL M . 17.33 22.68 10.87
C1 GOL N . 5.31 20.29 -8.81
O1 GOL N . 4.41 19.27 -9.24
C2 GOL N . 6.63 19.74 -8.26
O2 GOL N . 7.62 20.75 -8.20
C3 GOL N . 6.37 19.27 -6.83
O3 GOL N . 7.40 18.45 -6.33
C1 GOL O . 1.37 16.05 -7.95
O1 GOL O . 0.96 17.17 -8.72
C2 GOL O . 2.88 16.11 -7.90
O2 GOL O . 3.19 17.37 -7.33
C3 GOL O . 3.48 15.00 -7.07
O3 GOL O . 4.70 15.52 -6.59
C1 GOL P . 19.76 2.35 6.45
O1 GOL P . 19.15 2.82 7.65
C2 GOL P . 21.11 1.64 6.54
O2 GOL P . 21.85 1.90 7.70
C3 GOL P . 20.94 0.13 6.32
O3 GOL P . 21.12 -0.14 4.92
C1 GOL Q . 16.17 -0.29 4.59
O1 GOL Q . 16.44 0.87 5.33
C2 GOL Q . 17.31 -0.36 3.58
O2 GOL Q . 16.91 0.21 2.36
C3 GOL Q . 17.75 -1.79 3.34
O3 GOL Q . 18.63 -1.82 2.22
C1 GOL R . -1.06 13.47 17.47
O1 GOL R . -1.16 14.74 18.06
C2 GOL R . -2.13 12.68 18.19
O2 GOL R . -3.26 12.59 17.35
C3 GOL R . -1.57 11.32 18.62
O3 GOL R . -2.61 10.39 18.82
C1 GOL S . -2.11 10.16 15.07
O1 GOL S . -1.30 10.34 13.93
C2 GOL S . -2.63 8.75 15.02
O2 GOL S . -2.19 8.28 13.76
C3 GOL S . -2.09 7.87 16.15
O3 GOL S . -3.10 7.50 17.06
#